data_2N94
#
_entry.id   2N94
#
loop_
_entity.id
_entity.type
_entity.pdbx_description
1 polymer 'Box C/D snoRNA protein 1'
2 non-polymer 'ZINC ION'
#
_entity_poly.entity_id   1
_entity_poly.type   'polypeptide(L)'
_entity_poly.pdbx_seq_one_letter_code
;GPHMAVLCGVCGIKEFKYKCPRCLVQTCSLECSKKHKTRDNCSGQTHD
;
_entity_poly.pdbx_strand_id   A
#
# COMPACT_ATOMS: atom_id res chain seq x y z
N GLY A 1 22.80 -2.36 -3.26
CA GLY A 1 22.14 -1.58 -2.19
C GLY A 1 22.34 -2.20 -0.83
N PRO A 2 22.22 -1.41 0.25
CA PRO A 2 22.41 -1.89 1.62
C PRO A 2 21.20 -2.66 2.16
N HIS A 3 20.27 -2.98 1.25
CA HIS A 3 19.06 -3.75 1.60
C HIS A 3 18.22 -3.00 2.62
N MET A 4 18.15 -1.69 2.47
CA MET A 4 17.34 -0.86 3.34
C MET A 4 16.02 -0.54 2.65
N ALA A 5 15.14 -1.52 2.57
CA ALA A 5 13.89 -1.37 1.86
C ALA A 5 12.74 -2.03 2.61
N VAL A 6 11.55 -1.47 2.43
CA VAL A 6 10.36 -2.00 3.06
C VAL A 6 9.57 -2.83 2.06
N LEU A 7 9.03 -3.95 2.51
CA LEU A 7 8.25 -4.81 1.65
C LEU A 7 6.83 -4.30 1.52
N CYS A 8 6.19 -4.68 0.41
CA CYS A 8 4.79 -4.33 0.17
C CYS A 8 3.91 -4.83 1.31
N GLY A 9 3.16 -3.92 1.90
CA GLY A 9 2.31 -4.26 3.02
C GLY A 9 1.23 -5.27 2.66
N VAL A 10 0.91 -5.37 1.38
CA VAL A 10 -0.13 -6.30 0.94
C VAL A 10 0.46 -7.67 0.57
N CYS A 11 1.31 -7.72 -0.44
CA CYS A 11 1.82 -8.99 -0.93
C CYS A 11 3.23 -9.28 -0.38
N GLY A 12 3.99 -8.23 -0.13
CA GLY A 12 5.31 -8.35 0.49
C GLY A 12 6.21 -9.41 -0.15
N ILE A 13 6.56 -9.21 -1.42
CA ILE A 13 7.41 -10.16 -2.11
C ILE A 13 8.51 -9.49 -2.94
N LYS A 14 8.69 -8.18 -2.76
CA LYS A 14 9.73 -7.46 -3.49
C LYS A 14 10.11 -6.15 -2.79
N GLU A 15 9.18 -5.20 -2.77
CA GLU A 15 9.43 -3.88 -2.23
C GLU A 15 8.13 -3.09 -2.29
N PHE A 16 8.11 -1.88 -1.76
CA PHE A 16 6.95 -1.01 -1.88
C PHE A 16 7.25 0.13 -2.86
N LYS A 17 6.20 0.81 -3.29
CA LYS A 17 6.33 1.96 -4.16
C LYS A 17 5.27 3.02 -3.80
N TYR A 18 4.23 2.58 -3.11
CA TYR A 18 3.12 3.45 -2.73
C TYR A 18 2.89 3.41 -1.22
N LYS A 19 1.94 4.20 -0.76
CA LYS A 19 1.53 4.20 0.63
C LYS A 19 0.15 4.81 0.75
N CYS A 20 -0.87 3.97 0.93
CA CYS A 20 -2.24 4.43 1.05
C CYS A 20 -2.39 5.50 2.12
N PRO A 21 -3.06 6.63 1.79
CA PRO A 21 -3.26 7.76 2.71
C PRO A 21 -4.11 7.37 3.92
N ARG A 22 -4.85 6.28 3.79
CA ARG A 22 -5.68 5.79 4.89
C ARG A 22 -5.02 4.64 5.61
N CYS A 23 -4.69 3.60 4.85
CA CYS A 23 -4.21 2.36 5.43
C CYS A 23 -2.74 2.45 5.81
N LEU A 24 -2.07 3.43 5.22
CA LEU A 24 -0.63 3.64 5.39
C LEU A 24 0.15 2.43 4.92
N VAL A 25 -0.54 1.55 4.20
CA VAL A 25 0.06 0.34 3.69
C VAL A 25 0.95 0.67 2.50
N GLN A 26 2.20 0.32 2.63
CA GLN A 26 3.17 0.57 1.58
C GLN A 26 3.09 -0.51 0.52
N THR A 27 2.30 -0.24 -0.50
CA THR A 27 2.05 -1.19 -1.56
C THR A 27 3.13 -1.11 -2.63
N CYS A 28 3.28 -2.19 -3.37
CA CYS A 28 4.29 -2.27 -4.42
C CYS A 28 3.78 -1.65 -5.71
N SER A 29 2.46 -1.63 -5.84
CA SER A 29 1.83 -1.12 -7.06
C SER A 29 0.39 -0.74 -6.76
N LEU A 30 -0.24 -0.06 -7.71
CA LEU A 30 -1.64 0.34 -7.58
C LEU A 30 -2.53 -0.90 -7.44
N GLU A 31 -2.08 -2.00 -8.02
CA GLU A 31 -2.82 -3.26 -7.96
C GLU A 31 -2.99 -3.72 -6.51
N CYS A 32 -1.97 -3.52 -5.70
CA CYS A 32 -2.05 -3.87 -4.29
C CYS A 32 -2.79 -2.79 -3.50
N SER A 33 -2.74 -1.56 -4.01
CA SER A 33 -3.49 -0.46 -3.40
C SER A 33 -4.99 -0.68 -3.57
N LYS A 34 -5.39 -1.12 -4.76
CA LYS A 34 -6.80 -1.36 -5.04
C LYS A 34 -7.24 -2.72 -4.49
N LYS A 35 -6.27 -3.49 -4.00
CA LYS A 35 -6.55 -4.83 -3.50
C LYS A 35 -7.19 -4.76 -2.12
N HIS A 36 -6.68 -3.88 -1.27
CA HIS A 36 -7.22 -3.77 0.10
C HIS A 36 -8.56 -3.06 0.10
N LYS A 37 -8.86 -2.33 -0.97
CA LYS A 37 -10.04 -1.49 -1.01
C LYS A 37 -11.32 -2.32 -1.07
N THR A 38 -11.22 -3.47 -1.72
CA THR A 38 -12.40 -4.29 -1.98
C THR A 38 -12.77 -5.15 -0.77
N ARG A 39 -11.94 -5.12 0.25
CA ARG A 39 -12.15 -5.94 1.43
C ARG A 39 -12.14 -5.11 2.71
N ASP A 40 -11.37 -4.02 2.69
CA ASP A 40 -11.21 -3.20 3.88
C ASP A 40 -12.05 -1.93 3.76
N ASN A 41 -12.75 -1.80 2.63
CA ASN A 41 -13.62 -0.66 2.36
C ASN A 41 -12.83 0.64 2.36
N CYS A 42 -12.01 0.81 1.34
CA CYS A 42 -11.14 1.96 1.24
C CYS A 42 -11.25 2.56 -0.16
N SER A 43 -11.10 3.87 -0.26
CA SER A 43 -11.07 4.53 -1.55
C SER A 43 -9.71 5.19 -1.77
N GLY A 44 -9.09 5.61 -0.67
CA GLY A 44 -7.75 6.16 -0.72
C GLY A 44 -7.75 7.64 -0.98
N GLN A 45 -8.52 8.38 -0.21
CA GLN A 45 -8.60 9.82 -0.32
C GLN A 45 -8.30 10.45 1.03
N THR A 46 -7.70 9.64 1.89
CA THR A 46 -7.30 10.04 3.25
C THR A 46 -8.50 10.07 4.20
N HIS A 47 -9.53 10.83 3.86
CA HIS A 47 -10.72 10.91 4.70
C HIS A 47 -11.96 10.39 3.97
N ASP A 48 -11.77 9.32 3.21
CA ASP A 48 -12.87 8.66 2.52
C ASP A 48 -13.56 7.67 3.43
N GLY A 1 21.24 -7.07 2.21
CA GLY A 1 20.95 -5.99 1.24
C GLY A 1 20.41 -4.75 1.92
N PRO A 2 19.74 -3.87 1.16
CA PRO A 2 19.17 -2.64 1.71
C PRO A 2 17.92 -2.91 2.56
N HIS A 3 18.15 -3.17 3.85
CA HIS A 3 17.07 -3.44 4.79
C HIS A 3 16.30 -2.16 5.13
N MET A 4 16.77 -1.04 4.59
CA MET A 4 16.09 0.24 4.73
C MET A 4 14.82 0.26 3.90
N ALA A 5 14.70 -0.71 3.00
CA ALA A 5 13.53 -0.82 2.14
C ALA A 5 12.49 -1.68 2.82
N VAL A 6 11.24 -1.37 2.56
CA VAL A 6 10.13 -2.07 3.17
C VAL A 6 9.39 -2.89 2.11
N LEU A 7 8.91 -4.07 2.50
CA LEU A 7 8.16 -4.92 1.61
C LEU A 7 6.71 -4.47 1.51
N CYS A 8 6.09 -4.82 0.39
CA CYS A 8 4.68 -4.50 0.16
C CYS A 8 3.80 -5.06 1.27
N GLY A 9 2.99 -4.21 1.87
CA GLY A 9 2.14 -4.63 2.97
C GLY A 9 1.05 -5.60 2.53
N VAL A 10 0.80 -5.66 1.22
CA VAL A 10 -0.22 -6.56 0.70
C VAL A 10 0.36 -7.92 0.29
N CYS A 11 1.32 -7.91 -0.63
CA CYS A 11 1.85 -9.16 -1.18
C CYS A 11 3.27 -9.43 -0.67
N GLY A 12 3.94 -8.39 -0.20
CA GLY A 12 5.26 -8.51 0.43
C GLY A 12 6.23 -9.41 -0.32
N ILE A 13 6.55 -9.06 -1.57
CA ILE A 13 7.48 -9.86 -2.35
C ILE A 13 8.40 -9.02 -3.25
N LYS A 14 8.17 -7.71 -3.33
CA LYS A 14 8.97 -6.87 -4.22
C LYS A 14 9.06 -5.42 -3.74
N GLU A 15 9.30 -5.25 -2.44
CA GLU A 15 9.38 -3.91 -1.83
C GLU A 15 8.07 -3.15 -1.98
N PHE A 16 8.09 -1.88 -1.59
CA PHE A 16 6.94 -1.02 -1.76
C PHE A 16 7.26 0.12 -2.73
N LYS A 17 6.22 0.78 -3.21
CA LYS A 17 6.36 1.94 -4.05
C LYS A 17 5.30 2.97 -3.71
N TYR A 18 4.25 2.51 -3.05
CA TYR A 18 3.14 3.38 -2.66
C TYR A 18 2.94 3.31 -1.15
N LYS A 19 1.96 4.07 -0.67
CA LYS A 19 1.59 4.06 0.73
C LYS A 19 0.23 4.73 0.87
N CYS A 20 -0.83 3.91 0.88
CA CYS A 20 -2.20 4.43 0.94
C CYS A 20 -2.35 5.48 2.02
N PRO A 21 -2.88 6.66 1.66
CA PRO A 21 -3.05 7.79 2.59
C PRO A 21 -3.97 7.45 3.75
N ARG A 22 -4.77 6.41 3.58
CA ARG A 22 -5.68 5.97 4.63
C ARG A 22 -5.10 4.81 5.41
N CYS A 23 -4.73 3.76 4.67
CA CYS A 23 -4.32 2.52 5.29
C CYS A 23 -2.87 2.55 5.74
N LEU A 24 -2.10 3.45 5.12
CA LEU A 24 -0.68 3.61 5.38
C LEU A 24 0.09 2.35 5.01
N VAL A 25 -0.56 1.48 4.24
CA VAL A 25 0.04 0.25 3.79
C VAL A 25 0.94 0.55 2.61
N GLN A 26 2.20 0.20 2.76
CA GLN A 26 3.19 0.39 1.72
C GLN A 26 3.05 -0.67 0.65
N THR A 27 2.29 -0.36 -0.38
CA THR A 27 2.02 -1.27 -1.46
C THR A 27 3.11 -1.19 -2.52
N CYS A 28 3.30 -2.28 -3.25
CA CYS A 28 4.32 -2.34 -4.29
C CYS A 28 3.85 -1.59 -5.52
N SER A 29 2.55 -1.60 -5.74
CA SER A 29 1.96 -0.99 -6.91
C SER A 29 0.48 -0.72 -6.68
N LEU A 30 -0.16 -0.07 -7.64
CA LEU A 30 -1.57 0.31 -7.51
C LEU A 30 -2.45 -0.94 -7.44
N GLU A 31 -1.99 -2.02 -8.08
CA GLU A 31 -2.73 -3.28 -8.07
C GLU A 31 -2.92 -3.80 -6.65
N CYS A 32 -1.96 -3.50 -5.77
CA CYS A 32 -2.07 -3.87 -4.37
C CYS A 32 -2.78 -2.79 -3.57
N SER A 33 -2.68 -1.56 -4.04
CA SER A 33 -3.41 -0.46 -3.42
C SER A 33 -4.91 -0.67 -3.57
N LYS A 34 -5.31 -1.22 -4.72
CA LYS A 34 -6.72 -1.50 -4.97
C LYS A 34 -7.11 -2.85 -4.37
N LYS A 35 -6.11 -3.61 -3.94
CA LYS A 35 -6.33 -4.95 -3.40
C LYS A 35 -7.02 -4.86 -2.03
N HIS A 36 -6.59 -3.90 -1.22
CA HIS A 36 -7.15 -3.74 0.11
C HIS A 36 -8.52 -3.05 0.07
N LYS A 37 -8.83 -2.44 -1.07
CA LYS A 37 -10.01 -1.60 -1.17
C LYS A 37 -11.29 -2.42 -1.18
N THR A 38 -11.15 -3.70 -1.48
CA THR A 38 -12.30 -4.58 -1.60
C THR A 38 -12.49 -5.40 -0.31
N ARG A 39 -11.69 -5.11 0.70
CA ARG A 39 -11.77 -5.85 1.97
C ARG A 39 -11.71 -4.91 3.17
N ASP A 40 -11.06 -3.76 3.00
CA ASP A 40 -10.97 -2.79 4.07
C ASP A 40 -11.91 -1.61 3.81
N ASN A 41 -12.56 -1.65 2.65
CA ASN A 41 -13.46 -0.57 2.19
C ASN A 41 -12.71 0.75 2.13
N CYS A 42 -12.03 0.97 1.01
CA CYS A 42 -11.14 2.11 0.87
C CYS A 42 -11.10 2.57 -0.59
N SER A 43 -10.79 3.85 -0.80
CA SER A 43 -10.60 4.35 -2.15
C SER A 43 -9.14 4.76 -2.37
N GLY A 44 -8.37 4.74 -1.28
CA GLY A 44 -6.97 5.11 -1.35
C GLY A 44 -6.77 6.59 -1.59
N GLN A 45 -7.52 7.40 -0.87
CA GLN A 45 -7.51 8.84 -1.03
C GLN A 45 -7.88 9.44 0.30
N THR A 46 -7.38 10.63 0.60
CA THR A 46 -7.60 11.20 1.90
C THR A 46 -7.85 12.70 1.83
N HIS A 47 -9.12 13.06 1.74
CA HIS A 47 -9.52 14.45 1.84
C HIS A 47 -9.76 14.76 3.31
N ASP A 48 -8.67 14.80 4.07
CA ASP A 48 -8.74 14.96 5.52
C ASP A 48 -7.58 15.83 6.00
N GLY A 1 15.14 -4.10 13.00
CA GLY A 1 16.57 -4.27 12.66
C GLY A 1 17.09 -3.14 11.80
N PRO A 2 17.79 -3.44 10.70
CA PRO A 2 18.35 -2.42 9.80
C PRO A 2 17.28 -1.80 8.90
N HIS A 3 16.07 -2.35 8.97
CA HIS A 3 14.93 -1.88 8.18
C HIS A 3 15.13 -2.18 6.69
N MET A 4 15.89 -1.32 6.01
CA MET A 4 16.23 -1.50 4.59
C MET A 4 14.98 -1.69 3.74
N ALA A 5 14.29 -0.58 3.46
CA ALA A 5 13.09 -0.59 2.64
C ALA A 5 11.96 -1.35 3.34
N VAL A 6 10.82 -1.40 2.68
CA VAL A 6 9.66 -2.10 3.21
C VAL A 6 9.03 -2.99 2.14
N LEU A 7 8.77 -4.24 2.51
CA LEU A 7 8.05 -5.15 1.63
C LEU A 7 6.58 -4.77 1.57
N CYS A 8 6.02 -4.88 0.37
CA CYS A 8 4.62 -4.58 0.11
C CYS A 8 3.71 -5.19 1.19
N GLY A 9 2.97 -4.34 1.88
CA GLY A 9 2.11 -4.80 2.97
C GLY A 9 1.03 -5.76 2.51
N VAL A 10 0.71 -5.72 1.23
CA VAL A 10 -0.35 -6.56 0.69
C VAL A 10 0.19 -7.92 0.25
N CYS A 11 1.01 -7.94 -0.79
CA CYS A 11 1.45 -9.20 -1.38
C CYS A 11 2.74 -9.71 -0.73
N GLY A 12 3.56 -8.76 -0.29
CA GLY A 12 4.74 -9.07 0.49
C GLY A 12 5.82 -9.82 -0.27
N ILE A 13 5.98 -9.55 -1.56
CA ILE A 13 6.98 -10.27 -2.34
C ILE A 13 8.07 -9.34 -2.89
N LYS A 14 7.86 -8.04 -2.79
CA LYS A 14 8.86 -7.07 -3.25
C LYS A 14 8.69 -5.76 -2.49
N GLU A 15 9.63 -4.84 -2.68
CA GLU A 15 9.58 -3.54 -2.02
C GLU A 15 8.39 -2.73 -2.52
N PHE A 16 8.03 -1.74 -1.73
CA PHE A 16 6.87 -0.91 -2.01
C PHE A 16 7.20 0.23 -2.98
N LYS A 17 6.15 0.84 -3.49
CA LYS A 17 6.27 1.99 -4.37
C LYS A 17 5.19 3.02 -4.04
N TYR A 18 4.19 2.59 -3.28
CA TYR A 18 3.07 3.44 -2.90
C TYR A 18 2.88 3.41 -1.39
N LYS A 19 2.00 4.26 -0.91
CA LYS A 19 1.67 4.33 0.51
C LYS A 19 0.28 4.93 0.68
N CYS A 20 -0.72 4.06 0.87
CA CYS A 20 -2.12 4.47 0.95
C CYS A 20 -2.31 5.63 1.93
N PRO A 21 -3.04 6.68 1.49
CA PRO A 21 -3.33 7.86 2.32
C PRO A 21 -4.16 7.53 3.55
N ARG A 22 -4.86 6.40 3.52
CA ARG A 22 -5.69 6.00 4.64
C ARG A 22 -5.02 4.91 5.46
N CYS A 23 -4.60 3.85 4.78
CA CYS A 23 -4.08 2.67 5.44
C CYS A 23 -2.61 2.83 5.81
N LEU A 24 -1.93 3.73 5.10
CA LEU A 24 -0.49 3.95 5.23
C LEU A 24 0.29 2.72 4.77
N VAL A 25 -0.43 1.73 4.25
CA VAL A 25 0.19 0.51 3.79
C VAL A 25 1.02 0.78 2.55
N GLN A 26 2.24 0.33 2.61
CA GLN A 26 3.19 0.53 1.54
C GLN A 26 3.03 -0.58 0.51
N THR A 27 2.44 -0.22 -0.63
CA THR A 27 2.13 -1.18 -1.66
C THR A 27 3.14 -1.10 -2.80
N CYS A 28 3.37 -2.24 -3.44
CA CYS A 28 4.39 -2.36 -4.47
C CYS A 28 3.90 -1.76 -5.78
N SER A 29 2.58 -1.72 -5.95
CA SER A 29 1.99 -1.21 -7.17
C SER A 29 0.55 -0.80 -6.92
N LEU A 30 -0.06 -0.09 -7.88
CA LEU A 30 -1.41 0.41 -7.71
C LEU A 30 -2.39 -0.75 -7.54
N GLU A 31 -2.08 -1.89 -8.15
CA GLU A 31 -2.88 -3.09 -7.99
C GLU A 31 -3.05 -3.45 -6.52
N CYS A 32 -1.95 -3.43 -5.77
CA CYS A 32 -2.00 -3.71 -4.35
C CYS A 32 -2.57 -2.52 -3.58
N SER A 33 -2.42 -1.32 -4.14
CA SER A 33 -2.95 -0.12 -3.52
C SER A 33 -4.47 -0.16 -3.49
N LYS A 34 -5.05 -0.88 -4.44
CA LYS A 34 -6.50 -1.00 -4.51
C LYS A 34 -6.95 -2.40 -4.11
N LYS A 35 -5.99 -3.26 -3.81
CA LYS A 35 -6.27 -4.63 -3.39
C LYS A 35 -6.97 -4.64 -2.04
N HIS A 36 -6.50 -3.79 -1.14
CA HIS A 36 -7.05 -3.74 0.21
C HIS A 36 -8.41 -3.03 0.21
N LYS A 37 -8.74 -2.38 -0.90
CA LYS A 37 -9.95 -1.57 -0.97
C LYS A 37 -11.19 -2.45 -1.06
N THR A 38 -11.00 -3.67 -1.56
CA THR A 38 -12.11 -4.57 -1.77
C THR A 38 -12.29 -5.52 -0.58
N ARG A 39 -11.40 -5.39 0.41
CA ARG A 39 -11.45 -6.25 1.59
C ARG A 39 -11.60 -5.45 2.86
N ASP A 40 -10.84 -4.37 2.97
CA ASP A 40 -10.83 -3.56 4.18
C ASP A 40 -11.67 -2.31 4.01
N ASN A 41 -12.26 -2.19 2.81
CA ASN A 41 -13.11 -1.05 2.45
C ASN A 41 -12.35 0.27 2.54
N CYS A 42 -11.76 0.68 1.43
CA CYS A 42 -10.93 1.86 1.43
C CYS A 42 -11.14 2.66 0.14
N SER A 43 -11.23 3.97 0.29
CA SER A 43 -11.37 4.87 -0.85
C SER A 43 -10.02 5.19 -1.45
N GLY A 44 -9.00 5.20 -0.59
CA GLY A 44 -7.68 5.63 -1.00
C GLY A 44 -7.65 7.12 -1.27
N GLN A 45 -8.57 7.84 -0.62
CA GLN A 45 -8.76 9.26 -0.86
C GLN A 45 -8.88 10.01 0.46
N THR A 46 -8.02 9.63 1.42
CA THR A 46 -8.07 10.15 2.79
C THR A 46 -9.49 10.13 3.38
N HIS A 47 -10.15 11.29 3.38
CA HIS A 47 -11.49 11.44 3.95
C HIS A 47 -11.47 11.27 5.47
N ASP A 48 -11.35 10.03 5.93
CA ASP A 48 -11.34 9.74 7.35
C ASP A 48 -10.32 8.66 7.66
N GLY A 1 20.02 -1.31 -2.78
CA GLY A 1 19.71 0.03 -2.23
C GLY A 1 19.92 0.08 -0.73
N PRO A 2 19.24 0.99 -0.02
CA PRO A 2 19.35 1.09 1.43
C PRO A 2 18.92 -0.20 2.14
N HIS A 3 19.64 -0.57 3.18
CA HIS A 3 19.34 -1.79 3.92
C HIS A 3 18.24 -1.54 4.96
N MET A 4 17.27 -0.74 4.55
CA MET A 4 16.11 -0.45 5.38
C MET A 4 14.88 -0.35 4.49
N ALA A 5 14.86 -1.19 3.48
CA ALA A 5 13.77 -1.22 2.53
C ALA A 5 12.60 -1.99 3.10
N VAL A 6 11.43 -1.67 2.63
CA VAL A 6 10.21 -2.28 3.13
C VAL A 6 9.50 -3.04 2.02
N LEU A 7 9.08 -4.26 2.33
CA LEU A 7 8.31 -5.06 1.40
C LEU A 7 6.86 -4.61 1.40
N CYS A 8 6.19 -4.83 0.29
CA CYS A 8 4.79 -4.50 0.13
C CYS A 8 3.95 -5.04 1.29
N GLY A 9 3.13 -4.16 1.87
CA GLY A 9 2.31 -4.53 3.00
C GLY A 9 1.18 -5.48 2.62
N VAL A 10 0.88 -5.56 1.33
CA VAL A 10 -0.17 -6.44 0.87
C VAL A 10 0.38 -7.80 0.44
N CYS A 11 1.11 -7.84 -0.67
CA CYS A 11 1.58 -9.11 -1.23
C CYS A 11 2.92 -9.50 -0.62
N GLY A 12 3.74 -8.49 -0.36
CA GLY A 12 4.99 -8.69 0.37
C GLY A 12 6.05 -9.45 -0.40
N ILE A 13 5.99 -9.43 -1.72
CA ILE A 13 6.95 -10.20 -2.51
C ILE A 13 8.04 -9.33 -3.09
N LYS A 14 7.82 -8.02 -3.10
CA LYS A 14 8.83 -7.07 -3.55
C LYS A 14 8.72 -5.78 -2.76
N GLU A 15 9.61 -4.84 -3.04
CA GLU A 15 9.64 -3.56 -2.34
C GLU A 15 8.35 -2.77 -2.57
N PHE A 16 8.18 -1.73 -1.77
CA PHE A 16 7.03 -0.87 -1.89
C PHE A 16 7.34 0.31 -2.80
N LYS A 17 6.29 0.99 -3.23
CA LYS A 17 6.41 2.17 -4.07
C LYS A 17 5.30 3.16 -3.73
N TYR A 18 4.23 2.66 -3.17
CA TYR A 18 3.08 3.47 -2.81
C TYR A 18 2.87 3.45 -1.31
N LYS A 19 1.86 4.17 -0.87
CA LYS A 19 1.55 4.27 0.55
C LYS A 19 0.17 4.87 0.72
N CYS A 20 -0.84 4.01 0.86
CA CYS A 20 -2.22 4.45 0.98
C CYS A 20 -2.35 5.59 1.98
N PRO A 21 -2.93 6.72 1.56
CA PRO A 21 -3.11 7.88 2.43
C PRO A 21 -4.11 7.60 3.54
N ARG A 22 -4.79 6.47 3.43
CA ARG A 22 -5.75 6.05 4.43
C ARG A 22 -5.17 4.96 5.34
N CYS A 23 -4.57 3.95 4.74
CA CYS A 23 -4.07 2.79 5.49
C CYS A 23 -2.63 2.95 5.92
N LEU A 24 -1.90 3.76 5.15
CA LEU A 24 -0.46 3.96 5.31
C LEU A 24 0.31 2.71 4.89
N VAL A 25 -0.40 1.74 4.32
CA VAL A 25 0.20 0.51 3.87
C VAL A 25 1.08 0.78 2.66
N GLN A 26 2.32 0.37 2.78
CA GLN A 26 3.31 0.53 1.72
C GLN A 26 3.11 -0.54 0.65
N THR A 27 2.40 -0.17 -0.39
CA THR A 27 2.08 -1.10 -1.46
C THR A 27 3.14 -1.04 -2.56
N CYS A 28 3.27 -2.14 -3.29
CA CYS A 28 4.26 -2.25 -4.35
C CYS A 28 3.75 -1.56 -5.62
N SER A 29 2.44 -1.58 -5.82
CA SER A 29 1.84 -1.02 -7.02
C SER A 29 0.36 -0.74 -6.79
N LEU A 30 -0.31 -0.17 -7.79
CA LEU A 30 -1.72 0.19 -7.67
C LEU A 30 -2.59 -1.03 -7.44
N GLU A 31 -2.18 -2.17 -7.98
CA GLU A 31 -2.88 -3.42 -7.79
C GLU A 31 -3.09 -3.74 -6.32
N CYS A 32 -2.06 -3.52 -5.53
CA CYS A 32 -2.11 -3.77 -4.12
C CYS A 32 -2.73 -2.58 -3.39
N SER A 33 -2.64 -1.42 -4.01
CA SER A 33 -3.23 -0.21 -3.45
C SER A 33 -4.75 -0.31 -3.48
N LYS A 34 -5.26 -1.05 -4.46
CA LYS A 34 -6.70 -1.26 -4.59
C LYS A 34 -7.10 -2.59 -3.95
N LYS A 35 -6.12 -3.42 -3.65
CA LYS A 35 -6.34 -4.76 -3.14
C LYS A 35 -7.06 -4.72 -1.80
N HIS A 36 -6.59 -3.85 -0.91
CA HIS A 36 -7.16 -3.76 0.43
C HIS A 36 -8.52 -3.05 0.38
N LYS A 37 -8.81 -2.39 -0.73
CA LYS A 37 -10.05 -1.65 -0.87
C LYS A 37 -11.22 -2.59 -1.07
N THR A 38 -10.97 -3.71 -1.73
CA THR A 38 -12.01 -4.66 -2.07
C THR A 38 -12.27 -5.62 -0.90
N ARG A 39 -11.57 -5.41 0.21
CA ARG A 39 -11.73 -6.26 1.38
C ARG A 39 -12.04 -5.44 2.64
N ASP A 40 -11.40 -4.28 2.76
CA ASP A 40 -11.57 -3.45 3.95
C ASP A 40 -12.36 -2.18 3.63
N ASN A 41 -12.76 -2.05 2.37
CA ASN A 41 -13.50 -0.88 1.88
C ASN A 41 -12.69 0.39 2.11
N CYS A 42 -11.84 0.73 1.15
CA CYS A 42 -10.97 1.87 1.29
C CYS A 42 -10.91 2.68 0.00
N SER A 43 -10.37 3.88 0.11
CA SER A 43 -10.18 4.77 -1.00
C SER A 43 -8.78 5.38 -0.92
N GLY A 44 -8.40 6.17 -1.91
CA GLY A 44 -7.08 6.75 -1.90
C GLY A 44 -7.12 8.26 -1.84
N GLN A 45 -7.89 8.77 -0.89
CA GLN A 45 -7.98 10.20 -0.65
C GLN A 45 -7.83 10.43 0.84
N THR A 46 -6.94 11.31 1.22
CA THR A 46 -6.64 11.50 2.62
C THR A 46 -7.74 12.29 3.32
N HIS A 47 -8.15 11.79 4.48
CA HIS A 47 -9.16 12.47 5.28
C HIS A 47 -8.72 12.47 6.74
N ASP A 48 -8.47 13.64 7.29
CA ASP A 48 -8.01 13.75 8.66
C ASP A 48 -9.18 14.11 9.58
N GLY A 1 14.83 -1.15 9.90
CA GLY A 1 15.93 -0.48 9.17
C GLY A 1 15.43 0.72 8.39
N PRO A 2 16.00 0.99 7.20
CA PRO A 2 15.60 2.11 6.36
C PRO A 2 14.15 2.02 5.92
N HIS A 3 13.38 3.07 6.19
CA HIS A 3 11.97 3.11 5.84
C HIS A 3 11.76 3.52 4.38
N MET A 4 12.86 3.61 3.65
CA MET A 4 12.81 3.87 2.21
C MET A 4 12.75 2.56 1.45
N ALA A 5 12.48 1.50 2.20
CA ALA A 5 12.32 0.17 1.65
C ALA A 5 11.48 -0.63 2.63
N VAL A 6 11.09 -1.81 2.21
CA VAL A 6 10.12 -2.59 2.93
C VAL A 6 9.71 -3.75 2.05
N LEU A 7 8.80 -4.57 2.51
CA LEU A 7 8.09 -5.45 1.62
C LEU A 7 6.62 -5.10 1.63
N CYS A 8 6.08 -4.93 0.43
CA CYS A 8 4.69 -4.54 0.19
C CYS A 8 3.73 -5.17 1.22
N GLY A 9 3.02 -4.32 1.95
CA GLY A 9 2.17 -4.78 3.04
C GLY A 9 1.10 -5.77 2.60
N VAL A 10 0.74 -5.74 1.33
CA VAL A 10 -0.31 -6.61 0.82
C VAL A 10 0.25 -7.98 0.40
N CYS A 11 1.12 -7.98 -0.60
CA CYS A 11 1.61 -9.24 -1.18
C CYS A 11 2.96 -9.63 -0.57
N GLY A 12 3.69 -8.64 -0.06
CA GLY A 12 4.95 -8.88 0.63
C GLY A 12 5.92 -9.75 -0.16
N ILE A 13 6.41 -9.23 -1.27
CA ILE A 13 7.41 -9.96 -2.06
C ILE A 13 8.52 -9.05 -2.58
N LYS A 14 8.24 -7.76 -2.73
CA LYS A 14 9.25 -6.80 -3.17
C LYS A 14 9.10 -5.46 -2.46
N GLU A 15 10.01 -4.55 -2.77
CA GLU A 15 10.06 -3.22 -2.16
C GLU A 15 8.80 -2.43 -2.52
N PHE A 16 8.36 -1.59 -1.58
CA PHE A 16 7.16 -0.78 -1.77
C PHE A 16 7.40 0.32 -2.79
N LYS A 17 6.33 0.77 -3.41
CA LYS A 17 6.39 1.85 -4.38
C LYS A 17 5.31 2.88 -4.07
N TYR A 18 4.32 2.47 -3.30
CA TYR A 18 3.21 3.33 -2.92
C TYR A 18 2.98 3.27 -1.43
N LYS A 19 2.02 4.05 -0.95
CA LYS A 19 1.64 4.05 0.45
C LYS A 19 0.29 4.72 0.61
N CYS A 20 -0.76 3.90 0.77
CA CYS A 20 -2.11 4.40 0.97
C CYS A 20 -2.14 5.50 2.04
N PRO A 21 -2.63 6.71 1.69
CA PRO A 21 -2.67 7.85 2.61
C PRO A 21 -3.55 7.59 3.82
N ARG A 22 -4.38 6.55 3.76
CA ARG A 22 -5.25 6.20 4.86
C ARG A 22 -4.72 5.01 5.66
N CYS A 23 -4.32 3.96 4.96
CA CYS A 23 -3.84 2.75 5.63
C CYS A 23 -2.38 2.89 6.04
N LEU A 24 -1.66 3.70 5.27
CA LEU A 24 -0.21 3.87 5.38
C LEU A 24 0.50 2.58 5.01
N VAL A 25 -0.23 1.67 4.38
CA VAL A 25 0.33 0.42 3.91
C VAL A 25 1.16 0.67 2.65
N GLN A 26 2.41 0.32 2.74
CA GLN A 26 3.35 0.48 1.65
C GLN A 26 3.15 -0.62 0.62
N THR A 27 2.46 -0.26 -0.46
CA THR A 27 2.14 -1.21 -1.51
C THR A 27 3.19 -1.16 -2.62
N CYS A 28 3.24 -2.22 -3.42
CA CYS A 28 4.22 -2.31 -4.50
C CYS A 28 3.64 -1.76 -5.80
N SER A 29 2.32 -1.71 -5.88
CA SER A 29 1.65 -1.24 -7.08
C SER A 29 0.27 -0.69 -6.76
N LEU A 30 -0.41 -0.16 -7.76
CA LEU A 30 -1.79 0.27 -7.61
C LEU A 30 -2.68 -0.95 -7.40
N GLU A 31 -2.25 -2.09 -7.93
CA GLU A 31 -2.98 -3.34 -7.78
C GLU A 31 -3.15 -3.70 -6.31
N CYS A 32 -2.06 -3.63 -5.56
CA CYS A 32 -2.09 -3.92 -4.15
C CYS A 32 -2.73 -2.77 -3.36
N SER A 33 -2.73 -1.58 -3.96
CA SER A 33 -3.31 -0.43 -3.31
C SER A 33 -4.84 -0.50 -3.32
N LYS A 34 -5.38 -1.09 -4.38
CA LYS A 34 -6.83 -1.27 -4.48
C LYS A 34 -7.23 -2.64 -3.93
N LYS A 35 -6.23 -3.47 -3.69
CA LYS A 35 -6.43 -4.81 -3.17
C LYS A 35 -7.11 -4.74 -1.80
N HIS A 36 -6.66 -3.83 -0.95
CA HIS A 36 -7.23 -3.69 0.38
C HIS A 36 -8.54 -2.90 0.31
N LYS A 37 -8.81 -2.26 -0.82
CA LYS A 37 -10.01 -1.45 -0.97
C LYS A 37 -11.21 -2.34 -1.24
N THR A 38 -10.99 -3.37 -2.04
CA THR A 38 -12.05 -4.26 -2.44
C THR A 38 -12.44 -5.23 -1.32
N ARG A 39 -11.65 -5.24 -0.25
CA ARG A 39 -11.91 -6.13 0.88
C ARG A 39 -12.26 -5.35 2.14
N ASP A 40 -11.57 -4.23 2.36
CA ASP A 40 -11.72 -3.48 3.61
C ASP A 40 -12.41 -2.15 3.36
N ASN A 41 -12.93 -1.97 2.15
CA ASN A 41 -13.74 -0.80 1.79
C ASN A 41 -12.99 0.51 2.02
N CYS A 42 -11.70 0.52 1.72
CA CYS A 42 -10.89 1.72 1.87
C CYS A 42 -11.08 2.63 0.66
N SER A 43 -11.21 3.92 0.93
CA SER A 43 -11.31 4.91 -0.13
C SER A 43 -9.92 5.45 -0.48
N GLY A 44 -8.94 5.13 0.37
CA GLY A 44 -7.54 5.44 0.10
C GLY A 44 -7.31 6.83 -0.45
N GLN A 45 -7.79 7.83 0.26
CA GLN A 45 -7.63 9.21 -0.17
C GLN A 45 -7.80 10.14 1.02
N THR A 46 -6.82 11.00 1.21
CA THR A 46 -6.93 12.04 2.21
C THR A 46 -7.23 13.36 1.51
N HIS A 47 -6.96 13.38 0.20
CA HIS A 47 -7.20 14.53 -0.67
C HIS A 47 -6.22 15.66 -0.35
N ASP A 48 -5.24 15.35 0.49
CA ASP A 48 -4.24 16.32 0.91
C ASP A 48 -3.19 15.63 1.78
N GLY A 1 19.53 10.73 -1.48
CA GLY A 1 18.18 10.87 -0.90
C GLY A 1 17.88 9.77 0.09
N PRO A 2 16.68 9.77 0.69
CA PRO A 2 16.29 8.74 1.66
C PRO A 2 16.14 7.36 1.01
N HIS A 3 16.98 6.43 1.44
CA HIS A 3 16.95 5.07 0.91
C HIS A 3 15.82 4.30 1.59
N MET A 4 14.60 4.51 1.13
CA MET A 4 13.45 3.85 1.72
C MET A 4 13.21 2.50 1.06
N ALA A 5 12.81 1.54 1.86
CA ALA A 5 12.53 0.20 1.39
C ALA A 5 11.71 -0.53 2.41
N VAL A 6 11.31 -1.73 2.07
CA VAL A 6 10.36 -2.48 2.85
C VAL A 6 9.92 -3.67 2.00
N LEU A 7 8.99 -4.45 2.47
CA LEU A 7 8.26 -5.30 1.57
C LEU A 7 6.80 -4.93 1.59
N CYS A 8 6.22 -4.85 0.40
CA CYS A 8 4.83 -4.46 0.18
C CYS A 8 3.91 -5.05 1.25
N GLY A 9 3.23 -4.17 1.97
CA GLY A 9 2.40 -4.57 3.09
C GLY A 9 1.31 -5.55 2.72
N VAL A 10 0.97 -5.62 1.44
CA VAL A 10 -0.07 -6.51 0.98
C VAL A 10 0.49 -7.87 0.53
N CYS A 11 1.33 -7.88 -0.50
CA CYS A 11 1.79 -9.15 -1.07
C CYS A 11 3.14 -9.56 -0.50
N GLY A 12 3.97 -8.55 -0.22
CA GLY A 12 5.25 -8.76 0.43
C GLY A 12 6.27 -9.50 -0.40
N ILE A 13 6.26 -9.31 -1.72
CA ILE A 13 7.20 -10.01 -2.57
C ILE A 13 8.33 -9.09 -3.06
N LYS A 14 8.12 -7.79 -2.93
CA LYS A 14 9.13 -6.82 -3.32
C LYS A 14 8.95 -5.54 -2.53
N GLU A 15 9.81 -4.56 -2.77
CA GLU A 15 9.78 -3.30 -2.04
C GLU A 15 8.47 -2.55 -2.28
N PHE A 16 8.28 -1.49 -1.53
CA PHE A 16 7.12 -0.65 -1.69
C PHE A 16 7.39 0.47 -2.69
N LYS A 17 6.32 0.96 -3.29
CA LYS A 17 6.40 2.09 -4.20
C LYS A 17 5.28 3.07 -3.87
N TYR A 18 4.25 2.55 -3.22
CA TYR A 18 3.09 3.33 -2.84
C TYR A 18 2.96 3.34 -1.32
N LYS A 19 1.99 4.09 -0.83
CA LYS A 19 1.72 4.17 0.59
C LYS A 19 0.34 4.78 0.81
N CYS A 20 -0.64 3.92 1.07
CA CYS A 20 -2.01 4.36 1.27
C CYS A 20 -2.09 5.49 2.30
N PRO A 21 -2.78 6.59 1.97
CA PRO A 21 -2.91 7.75 2.85
C PRO A 21 -3.69 7.43 4.12
N ARG A 22 -4.44 6.34 4.09
CA ARG A 22 -5.25 5.93 5.23
C ARG A 22 -4.61 4.75 5.96
N CYS A 23 -4.34 3.69 5.22
CA CYS A 23 -3.80 2.47 5.82
C CYS A 23 -2.32 2.63 6.17
N LEU A 24 -1.67 3.53 5.44
CA LEU A 24 -0.22 3.73 5.51
C LEU A 24 0.51 2.51 4.96
N VAL A 25 -0.24 1.57 4.43
CA VAL A 25 0.32 0.35 3.90
C VAL A 25 1.15 0.65 2.67
N GLN A 26 2.40 0.29 2.76
CA GLN A 26 3.36 0.48 1.69
C GLN A 26 3.16 -0.59 0.62
N THR A 27 2.40 -0.25 -0.41
CA THR A 27 2.09 -1.19 -1.47
C THR A 27 3.12 -1.11 -2.59
N CYS A 28 3.26 -2.20 -3.33
CA CYS A 28 4.22 -2.27 -4.41
C CYS A 28 3.65 -1.63 -5.67
N SER A 29 2.33 -1.72 -5.83
CA SER A 29 1.66 -1.20 -7.00
C SER A 29 0.18 -0.98 -6.72
N LEU A 30 -0.54 -0.39 -7.66
CA LEU A 30 -1.96 -0.13 -7.49
C LEU A 30 -2.74 -1.43 -7.34
N GLU A 31 -2.22 -2.49 -7.93
CA GLU A 31 -2.81 -3.83 -7.83
C GLU A 31 -3.00 -4.21 -6.36
N CYS A 32 -2.06 -3.80 -5.53
CA CYS A 32 -2.13 -4.08 -4.10
C CYS A 32 -2.85 -2.97 -3.34
N SER A 33 -2.81 -1.77 -3.87
CA SER A 33 -3.53 -0.66 -3.27
C SER A 33 -5.04 -0.91 -3.35
N LYS A 34 -5.49 -1.40 -4.50
CA LYS A 34 -6.90 -1.70 -4.70
C LYS A 34 -7.28 -3.00 -4.01
N LYS A 35 -6.27 -3.80 -3.67
CA LYS A 35 -6.50 -5.09 -3.07
C LYS A 35 -7.12 -4.95 -1.69
N HIS A 36 -6.64 -3.98 -0.92
CA HIS A 36 -7.22 -3.74 0.40
C HIS A 36 -8.55 -2.98 0.27
N LYS A 37 -8.76 -2.36 -0.87
CA LYS A 37 -9.97 -1.56 -1.09
C LYS A 37 -11.16 -2.46 -1.38
N THR A 38 -10.92 -3.59 -2.04
CA THR A 38 -12.00 -4.48 -2.44
C THR A 38 -12.61 -5.20 -1.22
N ARG A 39 -11.91 -5.17 -0.10
CA ARG A 39 -12.39 -5.84 1.10
C ARG A 39 -12.66 -4.85 2.24
N ASP A 40 -11.97 -3.72 2.23
CA ASP A 40 -12.07 -2.76 3.32
C ASP A 40 -12.75 -1.47 2.87
N ASN A 41 -12.97 -1.38 1.56
CA ASN A 41 -13.64 -0.23 0.95
C ASN A 41 -12.89 1.07 1.23
N CYS A 42 -11.58 0.95 1.37
CA CYS A 42 -10.73 2.07 1.72
C CYS A 42 -10.50 2.98 0.51
N SER A 43 -11.15 4.12 0.50
CA SER A 43 -10.95 5.11 -0.53
C SER A 43 -9.83 6.04 -0.10
N GLY A 44 -9.01 6.48 -1.05
CA GLY A 44 -7.87 7.31 -0.71
C GLY A 44 -8.29 8.74 -0.42
N GLN A 45 -8.87 8.94 0.75
CA GLN A 45 -9.36 10.24 1.16
C GLN A 45 -8.95 10.48 2.60
N THR A 46 -7.78 11.09 2.78
CA THR A 46 -7.28 11.37 4.11
C THR A 46 -8.11 12.45 4.79
N HIS A 47 -9.19 12.03 5.43
CA HIS A 47 -10.08 12.95 6.13
C HIS A 47 -9.45 13.39 7.43
N ASP A 48 -9.05 12.41 8.24
CA ASP A 48 -8.38 12.69 9.50
C ASP A 48 -7.08 11.91 9.57
N GLY A 1 18.28 -10.20 3.19
CA GLY A 1 17.80 -9.07 2.37
C GLY A 1 18.09 -7.74 3.03
N PRO A 2 18.08 -6.63 2.27
CA PRO A 2 18.37 -5.30 2.81
C PRO A 2 17.31 -4.84 3.81
N HIS A 3 17.70 -4.80 5.08
CA HIS A 3 16.76 -4.41 6.14
C HIS A 3 16.50 -2.91 6.12
N MET A 4 17.05 -2.22 5.13
CA MET A 4 16.82 -0.79 4.97
C MET A 4 15.61 -0.54 4.08
N ALA A 5 15.06 -1.60 3.51
CA ALA A 5 13.94 -1.48 2.59
C ALA A 5 12.75 -2.27 3.09
N VAL A 6 11.57 -1.80 2.74
CA VAL A 6 10.32 -2.44 3.16
C VAL A 6 9.61 -3.03 1.95
N LEU A 7 9.04 -4.21 2.13
CA LEU A 7 8.27 -4.85 1.09
C LEU A 7 6.87 -4.26 1.02
N CYS A 8 6.11 -4.78 0.07
CA CYS A 8 4.73 -4.42 -0.09
C CYS A 8 3.92 -4.86 1.12
N GLY A 9 3.08 -3.97 1.63
CA GLY A 9 2.25 -4.31 2.77
C GLY A 9 1.17 -5.32 2.45
N VAL A 10 0.90 -5.51 1.17
CA VAL A 10 -0.09 -6.49 0.74
C VAL A 10 0.56 -7.82 0.37
N CYS A 11 1.37 -7.84 -0.67
CA CYS A 11 1.94 -9.09 -1.15
C CYS A 11 3.29 -9.39 -0.49
N GLY A 12 3.81 -8.43 0.28
CA GLY A 12 4.99 -8.64 1.09
C GLY A 12 6.25 -8.96 0.31
N ILE A 13 6.36 -8.46 -0.92
CA ILE A 13 7.50 -8.78 -1.77
C ILE A 13 7.84 -7.62 -2.71
N LYS A 14 9.00 -7.76 -3.38
CA LYS A 14 9.50 -6.84 -4.42
C LYS A 14 9.53 -5.37 -3.99
N GLU A 15 9.67 -5.12 -2.69
CA GLU A 15 9.74 -3.76 -2.15
C GLU A 15 8.42 -3.01 -2.35
N PHE A 16 8.32 -1.84 -1.75
CA PHE A 16 7.14 -1.01 -1.90
C PHE A 16 7.41 0.14 -2.83
N LYS A 17 6.35 0.79 -3.30
CA LYS A 17 6.46 1.95 -4.15
C LYS A 17 5.40 2.98 -3.78
N TYR A 18 4.28 2.49 -3.26
CA TYR A 18 3.16 3.33 -2.89
C TYR A 18 2.96 3.31 -1.39
N LYS A 19 1.97 4.05 -0.93
CA LYS A 19 1.59 4.06 0.47
C LYS A 19 0.19 4.66 0.61
N CYS A 20 -0.80 3.81 0.84
CA CYS A 20 -2.18 4.27 1.01
C CYS A 20 -2.24 5.37 2.06
N PRO A 21 -2.75 6.56 1.69
CA PRO A 21 -2.88 7.69 2.60
C PRO A 21 -3.80 7.39 3.78
N ARG A 22 -4.62 6.36 3.64
CA ARG A 22 -5.54 5.97 4.70
C ARG A 22 -4.97 4.85 5.56
N CYS A 23 -4.43 3.83 4.91
CA CYS A 23 -3.95 2.65 5.63
C CYS A 23 -2.49 2.80 6.05
N LEU A 24 -1.79 3.65 5.31
CA LEU A 24 -0.35 3.84 5.46
C LEU A 24 0.39 2.57 5.07
N VAL A 25 -0.31 1.69 4.36
CA VAL A 25 0.25 0.46 3.88
C VAL A 25 1.06 0.73 2.62
N GLN A 26 2.33 0.39 2.69
CA GLN A 26 3.25 0.63 1.60
C GLN A 26 3.16 -0.47 0.55
N THR A 27 2.39 -0.20 -0.49
CA THR A 27 2.11 -1.19 -1.52
C THR A 27 3.14 -1.12 -2.63
N CYS A 28 3.25 -2.20 -3.40
CA CYS A 28 4.21 -2.26 -4.49
C CYS A 28 3.65 -1.59 -5.74
N SER A 29 2.32 -1.64 -5.90
CA SER A 29 1.68 -1.07 -7.06
C SER A 29 0.20 -0.83 -6.77
N LEU A 30 -0.49 -0.09 -7.64
CA LEU A 30 -1.91 0.17 -7.47
C LEU A 30 -2.70 -1.14 -7.39
N GLU A 31 -2.19 -2.17 -8.05
CA GLU A 31 -2.77 -3.51 -8.01
C GLU A 31 -3.00 -3.96 -6.56
N CYS A 32 -2.03 -3.67 -5.71
CA CYS A 32 -2.12 -4.03 -4.31
C CYS A 32 -2.78 -2.92 -3.50
N SER A 33 -2.71 -1.69 -4.01
CA SER A 33 -3.33 -0.56 -3.34
C SER A 33 -4.85 -0.72 -3.32
N LYS A 34 -5.39 -1.27 -4.41
CA LYS A 34 -6.83 -1.48 -4.51
C LYS A 34 -7.23 -2.83 -3.92
N LYS A 35 -6.23 -3.63 -3.57
CA LYS A 35 -6.46 -4.97 -3.04
C LYS A 35 -7.20 -4.89 -1.71
N HIS A 36 -6.74 -4.01 -0.84
CA HIS A 36 -7.35 -3.87 0.48
C HIS A 36 -8.68 -3.11 0.39
N LYS A 37 -8.89 -2.45 -0.73
CA LYS A 37 -10.06 -1.59 -0.89
C LYS A 37 -11.31 -2.42 -1.13
N THR A 38 -11.14 -3.55 -1.80
CA THR A 38 -12.27 -4.38 -2.18
C THR A 38 -12.79 -5.19 -0.99
N ARG A 39 -12.02 -5.25 0.08
CA ARG A 39 -12.40 -6.07 1.24
C ARG A 39 -12.50 -5.25 2.52
N ASP A 40 -12.13 -3.98 2.45
CA ASP A 40 -12.14 -3.13 3.64
C ASP A 40 -12.85 -1.80 3.36
N ASN A 41 -13.34 -1.64 2.14
CA ASN A 41 -14.06 -0.43 1.72
C ASN A 41 -13.18 0.81 1.83
N CYS A 42 -11.88 0.65 1.67
CA CYS A 42 -10.97 1.78 1.70
C CYS A 42 -10.99 2.51 0.36
N SER A 43 -10.82 3.81 0.38
CA SER A 43 -10.77 4.61 -0.83
C SER A 43 -9.33 4.81 -1.28
N GLY A 44 -8.42 4.76 -0.30
CA GLY A 44 -7.03 5.04 -0.58
C GLY A 44 -6.78 6.48 -0.94
N GLN A 45 -7.53 7.38 -0.31
CA GLN A 45 -7.44 8.80 -0.60
C GLN A 45 -7.87 9.58 0.63
N THR A 46 -7.22 10.71 0.86
CA THR A 46 -7.51 11.51 2.04
C THR A 46 -7.90 12.93 1.69
N HIS A 47 -9.19 13.21 1.69
CA HIS A 47 -9.68 14.57 1.48
C HIS A 47 -9.78 15.29 2.80
N ASP A 48 -10.15 14.54 3.83
CA ASP A 48 -10.25 15.08 5.19
C ASP A 48 -9.79 14.05 6.20
N GLY A 1 13.58 11.64 -3.10
CA GLY A 1 13.14 11.53 -1.70
C GLY A 1 14.05 10.63 -0.90
N PRO A 2 13.59 10.11 0.25
CA PRO A 2 14.38 9.19 1.06
C PRO A 2 14.46 7.81 0.44
N HIS A 3 15.64 7.21 0.48
CA HIS A 3 15.84 5.87 -0.05
C HIS A 3 15.37 4.83 0.96
N MET A 4 14.06 4.71 1.11
CA MET A 4 13.49 3.74 2.02
C MET A 4 13.13 2.47 1.27
N ALA A 5 12.75 1.44 2.01
CA ALA A 5 12.42 0.16 1.43
C ALA A 5 11.64 -0.64 2.44
N VAL A 6 11.22 -1.81 2.02
CA VAL A 6 10.27 -2.58 2.77
C VAL A 6 9.86 -3.75 1.90
N LEU A 7 8.98 -4.58 2.39
CA LEU A 7 8.27 -5.47 1.51
C LEU A 7 6.79 -5.15 1.58
N CYS A 8 6.18 -5.09 0.40
CA CYS A 8 4.79 -4.70 0.21
C CYS A 8 3.87 -5.23 1.30
N GLY A 9 3.14 -4.31 1.94
CA GLY A 9 2.28 -4.67 3.05
C GLY A 9 1.14 -5.61 2.66
N VAL A 10 0.82 -5.65 1.37
CA VAL A 10 -0.27 -6.50 0.91
C VAL A 10 0.22 -7.88 0.46
N CYS A 11 1.02 -7.94 -0.60
CA CYS A 11 1.44 -9.23 -1.16
C CYS A 11 2.70 -9.75 -0.48
N GLY A 12 3.36 -8.89 0.29
CA GLY A 12 4.50 -9.31 1.08
C GLY A 12 5.78 -9.53 0.28
N ILE A 13 5.81 -9.04 -0.96
CA ILE A 13 6.97 -9.25 -1.81
C ILE A 13 7.41 -7.94 -2.45
N LYS A 14 8.70 -7.89 -2.81
CA LYS A 14 9.35 -6.73 -3.46
C LYS A 14 9.17 -5.42 -2.67
N GLU A 15 9.93 -4.41 -3.08
CA GLU A 15 9.91 -3.13 -2.39
C GLU A 15 8.62 -2.39 -2.65
N PHE A 16 8.27 -1.53 -1.71
CA PHE A 16 7.08 -0.71 -1.83
C PHE A 16 7.30 0.41 -2.83
N LYS A 17 6.22 0.89 -3.40
CA LYS A 17 6.27 2.00 -4.33
C LYS A 17 5.23 3.04 -3.96
N TYR A 18 4.19 2.60 -3.28
CA TYR A 18 3.10 3.46 -2.86
C TYR A 18 2.96 3.43 -1.34
N LYS A 19 1.98 4.16 -0.85
CA LYS A 19 1.73 4.25 0.58
C LYS A 19 0.34 4.82 0.80
N CYS A 20 -0.64 3.94 1.02
CA CYS A 20 -2.03 4.36 1.20
C CYS A 20 -2.14 5.47 2.24
N PRO A 21 -2.78 6.59 1.86
CA PRO A 21 -2.97 7.74 2.74
C PRO A 21 -3.83 7.41 3.97
N ARG A 22 -4.55 6.31 3.91
CA ARG A 22 -5.38 5.87 5.03
C ARG A 22 -4.74 4.71 5.78
N CYS A 23 -4.26 3.71 5.06
CA CYS A 23 -3.74 2.50 5.69
C CYS A 23 -2.27 2.66 6.08
N LEU A 24 -1.59 3.56 5.38
CA LEU A 24 -0.15 3.73 5.48
C LEU A 24 0.58 2.48 5.02
N VAL A 25 -0.17 1.59 4.37
CA VAL A 25 0.38 0.36 3.85
C VAL A 25 1.21 0.66 2.62
N GLN A 26 2.46 0.30 2.69
CA GLN A 26 3.39 0.51 1.60
C GLN A 26 3.20 -0.59 0.55
N THR A 27 2.44 -0.25 -0.46
CA THR A 27 2.09 -1.20 -1.51
C THR A 27 3.11 -1.15 -2.64
N CYS A 28 3.25 -2.27 -3.34
CA CYS A 28 4.22 -2.39 -4.41
C CYS A 28 3.66 -1.83 -5.71
N SER A 29 2.34 -1.69 -5.79
CA SER A 29 1.69 -1.19 -6.99
C SER A 29 0.28 -0.72 -6.68
N LEU A 30 -0.41 -0.21 -7.71
CA LEU A 30 -1.81 0.14 -7.59
C LEU A 30 -2.64 -1.13 -7.45
N GLU A 31 -2.08 -2.24 -7.92
CA GLU A 31 -2.74 -3.54 -7.83
C GLU A 31 -2.98 -3.89 -6.36
N CYS A 32 -1.98 -3.64 -5.53
CA CYS A 32 -2.06 -3.96 -4.12
C CYS A 32 -2.76 -2.86 -3.33
N SER A 33 -2.74 -1.64 -3.83
CA SER A 33 -3.42 -0.55 -3.14
C SER A 33 -4.93 -0.71 -3.27
N LYS A 34 -5.39 -1.23 -4.41
CA LYS A 34 -6.81 -1.47 -4.59
C LYS A 34 -7.20 -2.82 -4.01
N LYS A 35 -6.20 -3.64 -3.73
CA LYS A 35 -6.43 -4.97 -3.21
C LYS A 35 -7.04 -4.92 -1.83
N HIS A 36 -6.65 -3.91 -1.04
CA HIS A 36 -7.24 -3.72 0.27
C HIS A 36 -8.56 -2.94 0.17
N LYS A 37 -8.79 -2.31 -0.97
CA LYS A 37 -10.01 -1.50 -1.16
C LYS A 37 -11.20 -2.40 -1.45
N THR A 38 -10.91 -3.57 -2.02
CA THR A 38 -11.94 -4.50 -2.42
C THR A 38 -12.31 -5.45 -1.28
N ARG A 39 -11.75 -5.19 -0.10
CA ARG A 39 -12.01 -6.03 1.06
C ARG A 39 -12.25 -5.20 2.31
N ASP A 40 -11.54 -4.07 2.44
CA ASP A 40 -11.71 -3.20 3.59
C ASP A 40 -12.45 -1.93 3.22
N ASN A 41 -12.73 -1.76 1.92
CA ASN A 41 -13.37 -0.56 1.39
C ASN A 41 -12.64 0.70 1.86
N CYS A 42 -11.56 1.04 1.17
CA CYS A 42 -10.70 2.14 1.58
C CYS A 42 -10.38 3.06 0.41
N SER A 43 -10.87 4.28 0.47
CA SER A 43 -10.61 5.25 -0.58
C SER A 43 -9.35 6.02 -0.24
N GLY A 44 -8.48 6.20 -1.22
CA GLY A 44 -7.21 6.85 -0.97
C GLY A 44 -7.29 8.35 -1.12
N GLN A 45 -8.18 8.95 -0.35
CA GLN A 45 -8.38 10.40 -0.37
C GLN A 45 -7.97 11.01 0.96
N THR A 46 -7.66 10.14 1.92
CA THR A 46 -7.24 10.53 3.27
C THR A 46 -8.42 11.05 4.09
N HIS A 47 -9.22 11.94 3.49
CA HIS A 47 -10.38 12.53 4.15
C HIS A 47 -11.36 11.43 4.55
N ASP A 48 -11.92 10.76 3.56
CA ASP A 48 -12.83 9.66 3.79
C ASP A 48 -12.72 8.67 2.64
N GLY A 1 25.04 1.37 2.20
CA GLY A 1 23.74 1.08 1.55
C GLY A 1 22.57 1.49 2.43
N PRO A 2 21.49 2.01 1.82
CA PRO A 2 20.31 2.48 2.55
C PRO A 2 19.81 1.47 3.58
N HIS A 3 19.44 0.28 3.11
CA HIS A 3 18.88 -0.77 3.98
C HIS A 3 17.68 -0.23 4.74
N MET A 4 16.76 0.36 4.00
CA MET A 4 15.57 0.96 4.58
C MET A 4 14.36 0.69 3.70
N ALA A 5 14.49 -0.31 2.84
CA ALA A 5 13.40 -0.69 1.95
C ALA A 5 12.50 -1.71 2.61
N VAL A 6 11.21 -1.43 2.56
CA VAL A 6 10.22 -2.29 3.17
C VAL A 6 9.44 -3.04 2.10
N LEU A 7 9.15 -4.30 2.37
CA LEU A 7 8.38 -5.12 1.46
C LEU A 7 6.92 -4.68 1.46
N CYS A 8 6.31 -4.78 0.29
CA CYS A 8 4.90 -4.46 0.09
C CYS A 8 4.03 -5.05 1.20
N GLY A 9 3.27 -4.19 1.86
CA GLY A 9 2.45 -4.61 2.98
C GLY A 9 1.40 -5.64 2.59
N VAL A 10 1.01 -5.65 1.33
CA VAL A 10 -0.01 -6.59 0.86
C VAL A 10 0.60 -7.93 0.44
N CYS A 11 1.38 -7.93 -0.64
CA CYS A 11 1.85 -9.18 -1.23
C CYS A 11 3.21 -9.60 -0.66
N GLY A 12 4.00 -8.59 -0.29
CA GLY A 12 5.27 -8.81 0.39
C GLY A 12 6.31 -9.56 -0.42
N ILE A 13 6.32 -9.38 -1.74
CA ILE A 13 7.28 -10.10 -2.57
C ILE A 13 8.36 -9.17 -3.12
N LYS A 14 8.13 -7.87 -3.03
CA LYS A 14 9.11 -6.89 -3.47
C LYS A 14 8.96 -5.62 -2.66
N GLU A 15 9.86 -4.68 -2.87
CA GLU A 15 9.83 -3.41 -2.16
C GLU A 15 8.53 -2.66 -2.43
N PHE A 16 8.29 -1.68 -1.59
CA PHE A 16 7.09 -0.85 -1.71
C PHE A 16 7.37 0.33 -2.62
N LYS A 17 6.31 0.86 -3.22
CA LYS A 17 6.41 2.00 -4.10
C LYS A 17 5.32 3.00 -3.79
N TYR A 18 4.30 2.54 -3.07
CA TYR A 18 3.17 3.38 -2.70
C TYR A 18 2.96 3.33 -1.20
N LYS A 19 1.94 4.04 -0.74
CA LYS A 19 1.56 4.05 0.67
C LYS A 19 0.20 4.72 0.82
N CYS A 20 -0.84 3.90 0.94
CA CYS A 20 -2.21 4.39 1.02
C CYS A 20 -2.36 5.47 2.07
N PRO A 21 -2.93 6.62 1.69
CA PRO A 21 -3.15 7.77 2.59
C PRO A 21 -4.05 7.43 3.78
N ARG A 22 -4.82 6.35 3.64
CA ARG A 22 -5.72 5.93 4.71
C ARG A 22 -5.12 4.78 5.51
N CYS A 23 -4.61 3.79 4.80
CA CYS A 23 -4.17 2.55 5.44
C CYS A 23 -2.72 2.61 5.87
N LEU A 24 -1.97 3.50 5.22
CA LEU A 24 -0.52 3.65 5.45
C LEU A 24 0.23 2.38 5.08
N VAL A 25 -0.45 1.48 4.38
CA VAL A 25 0.16 0.26 3.91
C VAL A 25 1.00 0.57 2.67
N GLN A 26 2.28 0.27 2.77
CA GLN A 26 3.19 0.54 1.69
C GLN A 26 3.09 -0.56 0.64
N THR A 27 2.38 -0.26 -0.42
CA THR A 27 2.10 -1.21 -1.49
C THR A 27 3.16 -1.13 -2.58
N CYS A 28 3.27 -2.17 -3.39
CA CYS A 28 4.26 -2.23 -4.45
C CYS A 28 3.69 -1.64 -5.74
N SER A 29 2.36 -1.59 -5.83
CA SER A 29 1.71 -1.12 -7.03
C SER A 29 0.30 -0.66 -6.73
N LEU A 30 -0.37 -0.12 -7.74
CA LEU A 30 -1.78 0.22 -7.62
C LEU A 30 -2.61 -1.04 -7.44
N GLU A 31 -2.09 -2.16 -7.94
CA GLU A 31 -2.77 -3.45 -7.82
C GLU A 31 -2.98 -3.79 -6.35
N CYS A 32 -1.92 -3.68 -5.57
CA CYS A 32 -1.98 -3.97 -4.16
C CYS A 32 -2.67 -2.85 -3.40
N SER A 33 -2.71 -1.67 -4.01
CA SER A 33 -3.38 -0.53 -3.40
C SER A 33 -4.90 -0.69 -3.49
N LYS A 34 -5.37 -1.22 -4.63
CA LYS A 34 -6.80 -1.46 -4.80
C LYS A 34 -7.19 -2.79 -4.18
N LYS A 35 -6.18 -3.60 -3.87
CA LYS A 35 -6.40 -4.91 -3.28
C LYS A 35 -7.11 -4.80 -1.94
N HIS A 36 -6.62 -3.91 -1.08
CA HIS A 36 -7.21 -3.75 0.25
C HIS A 36 -8.55 -3.02 0.17
N LYS A 37 -8.85 -2.44 -0.98
CA LYS A 37 -10.01 -1.59 -1.12
C LYS A 37 -11.29 -2.42 -1.22
N THR A 38 -11.16 -3.64 -1.70
CA THR A 38 -12.31 -4.51 -1.89
C THR A 38 -12.62 -5.28 -0.59
N ARG A 39 -11.85 -5.02 0.45
CA ARG A 39 -12.03 -5.71 1.72
C ARG A 39 -12.15 -4.73 2.88
N ASP A 40 -11.48 -3.58 2.76
CA ASP A 40 -11.51 -2.57 3.81
C ASP A 40 -12.51 -1.47 3.45
N ASN A 41 -13.00 -1.53 2.22
CA ASN A 41 -13.92 -0.52 1.69
C ASN A 41 -13.23 0.84 1.65
N CYS A 42 -11.92 0.78 1.52
CA CYS A 42 -11.09 1.96 1.38
C CYS A 42 -11.08 2.40 -0.08
N SER A 43 -10.96 3.69 -0.33
CA SER A 43 -10.83 4.18 -1.69
C SER A 43 -9.46 4.81 -1.92
N GLY A 44 -8.70 4.95 -0.84
CA GLY A 44 -7.34 5.45 -0.94
C GLY A 44 -7.27 6.95 -1.06
N GLN A 45 -8.05 7.65 -0.24
CA GLN A 45 -8.06 9.11 -0.25
C GLN A 45 -8.62 9.62 1.06
N THR A 46 -7.78 10.35 1.80
CA THR A 46 -8.19 10.93 3.07
C THR A 46 -9.23 12.04 2.85
N HIS A 47 -8.82 13.12 2.21
CA HIS A 47 -9.76 14.13 1.74
C HIS A 47 -9.21 14.86 0.51
N ASP A 48 -8.03 14.44 0.08
CA ASP A 48 -7.39 14.98 -1.11
C ASP A 48 -6.40 13.97 -1.65
N GLY A 1 21.45 -0.41 3.84
CA GLY A 1 20.87 0.10 2.57
C GLY A 1 19.86 1.20 2.82
N PRO A 2 19.03 1.54 1.82
CA PRO A 2 18.04 2.62 1.93
C PRO A 2 16.90 2.25 2.86
N HIS A 3 16.38 3.23 3.58
CA HIS A 3 15.29 2.99 4.52
C HIS A 3 13.95 3.03 3.79
N MET A 4 13.94 3.57 2.58
CA MET A 4 12.72 3.60 1.77
C MET A 4 12.52 2.25 1.07
N ALA A 5 12.41 1.23 1.91
CA ALA A 5 12.22 -0.14 1.47
C ALA A 5 11.45 -0.89 2.52
N VAL A 6 11.04 -2.08 2.19
CA VAL A 6 10.09 -2.82 2.99
C VAL A 6 9.65 -4.01 2.16
N LEU A 7 8.68 -4.76 2.63
CA LEU A 7 7.95 -5.63 1.74
C LEU A 7 6.49 -5.23 1.74
N CYS A 8 5.96 -5.05 0.52
CA CYS A 8 4.58 -4.66 0.27
C CYS A 8 3.62 -5.27 1.28
N GLY A 9 2.88 -4.42 1.99
CA GLY A 9 1.97 -4.87 3.03
C GLY A 9 0.86 -5.78 2.51
N VAL A 10 0.66 -5.77 1.20
CA VAL A 10 -0.36 -6.61 0.58
C VAL A 10 0.22 -7.95 0.15
N CYS A 11 1.17 -7.92 -0.78
CA CYS A 11 1.71 -9.15 -1.35
C CYS A 11 3.09 -9.46 -0.77
N GLY A 12 3.85 -8.42 -0.48
CA GLY A 12 5.16 -8.56 0.16
C GLY A 12 6.08 -9.55 -0.54
N ILE A 13 6.56 -9.19 -1.72
CA ILE A 13 7.46 -10.07 -2.47
C ILE A 13 8.56 -9.30 -3.21
N LYS A 14 8.76 -8.03 -2.86
CA LYS A 14 9.79 -7.22 -3.52
C LYS A 14 10.16 -5.97 -2.72
N GLU A 15 9.23 -5.02 -2.64
CA GLU A 15 9.46 -3.74 -1.96
C GLU A 15 8.20 -2.90 -2.12
N PHE A 16 8.11 -1.81 -1.37
CA PHE A 16 7.01 -0.88 -1.54
C PHE A 16 7.41 0.27 -2.46
N LYS A 17 6.42 0.83 -3.12
CA LYS A 17 6.61 2.00 -3.95
C LYS A 17 5.53 3.03 -3.63
N TYR A 18 4.46 2.56 -3.01
CA TYR A 18 3.32 3.41 -2.67
C TYR A 18 3.03 3.32 -1.18
N LYS A 19 2.11 4.16 -0.74
CA LYS A 19 1.61 4.12 0.62
C LYS A 19 0.22 4.73 0.65
N CYS A 20 -0.78 3.87 0.82
CA CYS A 20 -2.17 4.32 0.88
C CYS A 20 -2.34 5.48 1.86
N PRO A 21 -2.99 6.57 1.43
CA PRO A 21 -3.25 7.73 2.27
C PRO A 21 -4.28 7.44 3.36
N ARG A 22 -4.96 6.32 3.22
CA ARG A 22 -5.98 5.91 4.17
C ARG A 22 -5.44 4.81 5.10
N CYS A 23 -4.85 3.78 4.51
CA CYS A 23 -4.42 2.62 5.27
C CYS A 23 -2.98 2.75 5.72
N LEU A 24 -2.25 3.63 5.04
CA LEU A 24 -0.81 3.83 5.27
C LEU A 24 -0.03 2.56 4.95
N VAL A 25 -0.65 1.65 4.22
CA VAL A 25 0.00 0.40 3.87
C VAL A 25 0.91 0.62 2.67
N GLN A 26 2.18 0.32 2.89
CA GLN A 26 3.20 0.42 1.85
C GLN A 26 2.96 -0.65 0.80
N THR A 27 2.53 -0.21 -0.37
CA THR A 27 2.19 -1.10 -1.45
C THR A 27 3.23 -1.03 -2.56
N CYS A 28 3.39 -2.13 -3.28
CA CYS A 28 4.40 -2.21 -4.34
C CYS A 28 3.92 -1.52 -5.60
N SER A 29 2.62 -1.56 -5.84
CA SER A 29 2.04 -1.00 -7.05
C SER A 29 0.56 -0.68 -6.84
N LEU A 30 -0.03 0.05 -7.78
CA LEU A 30 -1.43 0.46 -7.68
C LEU A 30 -2.35 -0.75 -7.52
N GLU A 31 -1.98 -1.87 -8.15
CA GLU A 31 -2.73 -3.10 -8.04
C GLU A 31 -2.95 -3.48 -6.58
N CYS A 32 -1.90 -3.38 -5.78
CA CYS A 32 -1.98 -3.69 -4.36
C CYS A 32 -2.61 -2.52 -3.60
N SER A 33 -2.44 -1.32 -4.11
CA SER A 33 -3.01 -0.13 -3.50
C SER A 33 -4.53 -0.16 -3.59
N LYS A 34 -5.05 -0.91 -4.56
CA LYS A 34 -6.49 -1.07 -4.71
C LYS A 34 -6.91 -2.50 -4.38
N LYS A 35 -5.98 -3.27 -3.85
CA LYS A 35 -6.24 -4.66 -3.47
C LYS A 35 -6.95 -4.71 -2.12
N HIS A 36 -6.49 -3.88 -1.21
CA HIS A 36 -7.04 -3.86 0.15
C HIS A 36 -8.42 -3.21 0.18
N LYS A 37 -8.78 -2.51 -0.90
CA LYS A 37 -9.98 -1.70 -0.92
C LYS A 37 -11.23 -2.57 -0.87
N THR A 38 -11.07 -3.83 -1.25
CA THR A 38 -12.18 -4.76 -1.30
C THR A 38 -12.50 -5.33 0.09
N ARG A 39 -11.53 -5.27 1.00
CA ARG A 39 -11.69 -5.87 2.31
C ARG A 39 -11.60 -4.84 3.43
N ASP A 40 -11.05 -3.67 3.11
CA ASP A 40 -10.90 -2.60 4.10
C ASP A 40 -11.91 -1.52 3.82
N ASN A 41 -12.67 -1.70 2.74
CA ASN A 41 -13.67 -0.73 2.29
C ASN A 41 -13.02 0.63 2.09
N CYS A 42 -11.90 0.61 1.39
CA CYS A 42 -11.08 1.80 1.21
C CYS A 42 -11.26 2.37 -0.19
N SER A 43 -10.71 3.56 -0.41
CA SER A 43 -10.90 4.26 -1.65
C SER A 43 -9.70 5.17 -1.95
N GLY A 44 -9.64 6.30 -1.26
CA GLY A 44 -8.57 7.26 -1.46
C GLY A 44 -9.03 8.66 -1.14
N GLN A 45 -9.37 8.87 0.11
CA GLN A 45 -9.98 10.12 0.54
C GLN A 45 -9.16 10.77 1.65
N THR A 46 -8.45 9.94 2.40
CA THR A 46 -7.64 10.40 3.51
C THR A 46 -8.52 11.06 4.58
N HIS A 47 -9.22 10.22 5.33
CA HIS A 47 -10.11 10.69 6.38
C HIS A 47 -10.13 9.64 7.48
N ASP A 48 -9.00 8.98 7.65
CA ASP A 48 -8.91 7.86 8.56
C ASP A 48 -8.00 8.22 9.74
N GLY A 1 8.23 -6.45 7.87
CA GLY A 1 9.29 -7.42 7.49
C GLY A 1 10.68 -6.92 7.85
N PRO A 2 11.59 -6.80 6.86
CA PRO A 2 12.94 -6.29 7.09
C PRO A 2 12.96 -4.78 7.30
N HIS A 3 14.06 -4.26 7.83
CA HIS A 3 14.19 -2.84 8.12
C HIS A 3 15.17 -2.16 7.16
N MET A 4 15.75 -2.94 6.26
CA MET A 4 16.54 -2.38 5.18
C MET A 4 15.61 -1.74 4.16
N ALA A 5 14.44 -2.34 4.02
CA ALA A 5 13.38 -1.87 3.15
C ALA A 5 12.11 -2.64 3.46
N VAL A 6 10.98 -1.96 3.40
CA VAL A 6 9.72 -2.58 3.76
C VAL A 6 9.10 -3.26 2.55
N LEU A 7 8.64 -4.48 2.75
CA LEU A 7 7.96 -5.21 1.70
C LEU A 7 6.52 -4.72 1.57
N CYS A 8 6.01 -4.79 0.35
CA CYS A 8 4.63 -4.43 0.03
C CYS A 8 3.67 -4.96 1.09
N GLY A 9 2.89 -4.07 1.69
CA GLY A 9 1.97 -4.46 2.74
C GLY A 9 0.94 -5.48 2.29
N VAL A 10 0.69 -5.55 1.00
CA VAL A 10 -0.28 -6.49 0.46
C VAL A 10 0.35 -7.82 0.06
N CYS A 11 1.23 -7.78 -0.94
CA CYS A 11 1.82 -9.01 -1.49
C CYS A 11 3.20 -9.28 -0.88
N GLY A 12 3.87 -8.21 -0.45
CA GLY A 12 5.16 -8.33 0.22
C GLY A 12 6.14 -9.25 -0.45
N ILE A 13 6.49 -8.97 -1.70
CA ILE A 13 7.46 -9.77 -2.43
C ILE A 13 8.42 -8.94 -3.30
N LYS A 14 8.12 -7.66 -3.48
CA LYS A 14 8.98 -6.81 -4.33
C LYS A 14 9.11 -5.40 -3.75
N GLU A 15 9.27 -5.31 -2.42
CA GLU A 15 9.39 -4.02 -1.75
C GLU A 15 8.10 -3.20 -1.92
N PHE A 16 8.04 -2.01 -1.34
CA PHE A 16 6.93 -1.11 -1.53
C PHE A 16 7.34 0.06 -2.42
N LYS A 17 6.34 0.73 -2.97
CA LYS A 17 6.58 1.90 -3.80
C LYS A 17 5.54 2.97 -3.50
N TYR A 18 4.35 2.55 -3.09
CA TYR A 18 3.26 3.45 -2.79
C TYR A 18 3.01 3.49 -1.29
N LYS A 19 1.97 4.22 -0.90
CA LYS A 19 1.59 4.33 0.50
C LYS A 19 0.18 4.92 0.57
N CYS A 20 -0.82 4.07 0.77
CA CYS A 20 -2.21 4.51 0.80
C CYS A 20 -2.40 5.66 1.78
N PRO A 21 -2.99 6.77 1.30
CA PRO A 21 -3.25 7.96 2.12
C PRO A 21 -4.08 7.65 3.37
N ARG A 22 -4.87 6.60 3.32
CA ARG A 22 -5.72 6.24 4.44
C ARG A 22 -5.14 5.08 5.23
N CYS A 23 -4.82 3.99 4.55
CA CYS A 23 -4.37 2.78 5.22
C CYS A 23 -2.93 2.89 5.69
N LEU A 24 -2.18 3.77 5.00
CA LEU A 24 -0.75 3.94 5.21
C LEU A 24 0.03 2.68 4.84
N VAL A 25 -0.69 1.71 4.29
CA VAL A 25 -0.07 0.49 3.84
C VAL A 25 0.77 0.78 2.61
N GLN A 26 1.99 0.33 2.67
CA GLN A 26 2.96 0.60 1.61
C GLN A 26 2.90 -0.48 0.55
N THR A 27 2.19 -0.18 -0.53
CA THR A 27 1.98 -1.12 -1.62
C THR A 27 3.09 -1.00 -2.65
N CYS A 28 3.23 -2.01 -3.49
CA CYS A 28 4.26 -2.02 -4.52
C CYS A 28 3.74 -1.36 -5.79
N SER A 29 2.42 -1.41 -5.98
CA SER A 29 1.80 -0.87 -7.18
C SER A 29 0.32 -0.62 -6.94
N LEU A 30 -0.34 -0.01 -7.92
CA LEU A 30 -1.77 0.29 -7.81
C LEU A 30 -2.59 -0.98 -7.67
N GLU A 31 -2.10 -2.06 -8.27
CA GLU A 31 -2.75 -3.37 -8.18
C GLU A 31 -2.96 -3.74 -6.71
N CYS A 32 -1.96 -3.47 -5.89
CA CYS A 32 -2.02 -3.78 -4.47
C CYS A 32 -2.73 -2.67 -3.70
N SER A 33 -2.74 -1.46 -4.25
CA SER A 33 -3.42 -0.35 -3.62
C SER A 33 -4.94 -0.54 -3.69
N LYS A 34 -5.40 -1.15 -4.77
CA LYS A 34 -6.83 -1.42 -4.92
C LYS A 34 -7.17 -2.79 -4.35
N LYS A 35 -6.15 -3.49 -3.90
CA LYS A 35 -6.31 -4.84 -3.35
C LYS A 35 -6.95 -4.78 -1.98
N HIS A 36 -6.50 -3.82 -1.17
CA HIS A 36 -7.00 -3.69 0.19
C HIS A 36 -8.38 -3.04 0.20
N LYS A 37 -8.75 -2.43 -0.91
CA LYS A 37 -9.97 -1.64 -0.98
C LYS A 37 -11.20 -2.55 -0.96
N THR A 38 -10.98 -3.81 -1.29
CA THR A 38 -12.06 -4.78 -1.36
C THR A 38 -12.10 -5.64 -0.09
N ARG A 39 -11.22 -5.36 0.86
CA ARG A 39 -11.12 -6.18 2.06
C ARG A 39 -11.03 -5.32 3.33
N ASP A 40 -10.50 -4.12 3.20
CA ASP A 40 -10.38 -3.22 4.33
C ASP A 40 -11.35 -2.05 4.20
N ASN A 41 -12.07 -2.02 3.07
CA ASN A 41 -13.01 -0.94 2.75
C ASN A 41 -12.28 0.40 2.64
N CYS A 42 -11.93 0.75 1.43
CA CYS A 42 -11.12 1.94 1.20
C CYS A 42 -11.25 2.38 -0.25
N SER A 43 -11.07 3.67 -0.49
CA SER A 43 -11.00 4.20 -1.84
C SER A 43 -9.67 4.92 -2.04
N GLY A 44 -9.05 5.30 -0.93
CA GLY A 44 -7.74 5.93 -0.96
C GLY A 44 -7.83 7.41 -1.27
N GLN A 45 -8.77 8.10 -0.63
CA GLN A 45 -9.00 9.51 -0.91
C GLN A 45 -9.14 10.29 0.39
N THR A 46 -8.04 10.79 0.91
CA THR A 46 -8.07 11.60 2.11
C THR A 46 -8.51 13.02 1.79
N HIS A 47 -9.28 13.62 2.69
CA HIS A 47 -9.79 14.96 2.48
C HIS A 47 -9.16 15.92 3.48
N ASP A 48 -7.87 15.73 3.72
CA ASP A 48 -7.13 16.55 4.67
C ASP A 48 -5.79 16.95 4.09
N GLY A 1 24.20 5.40 4.91
CA GLY A 1 23.46 4.75 6.02
C GLY A 1 22.90 3.40 5.61
N PRO A 2 22.04 2.80 6.45
CA PRO A 2 21.41 1.52 6.13
C PRO A 2 20.45 1.63 4.95
N HIS A 3 20.40 0.59 4.13
CA HIS A 3 19.50 0.57 2.99
C HIS A 3 18.12 0.09 3.42
N MET A 4 17.45 0.92 4.21
CA MET A 4 16.16 0.60 4.77
C MET A 4 15.13 0.42 3.67
N ALA A 5 14.55 -0.78 3.61
CA ALA A 5 13.52 -1.06 2.63
C ALA A 5 12.35 -1.76 3.29
N VAL A 6 11.18 -1.63 2.70
CA VAL A 6 9.99 -2.27 3.24
C VAL A 6 9.28 -3.04 2.15
N LEU A 7 8.93 -4.28 2.45
CA LEU A 7 8.18 -5.10 1.52
C LEU A 7 6.72 -4.66 1.48
N CYS A 8 6.14 -4.76 0.29
CA CYS A 8 4.74 -4.45 0.06
C CYS A 8 3.85 -5.09 1.13
N GLY A 9 3.07 -4.26 1.81
CA GLY A 9 2.23 -4.73 2.89
C GLY A 9 1.18 -5.75 2.46
N VAL A 10 0.84 -5.74 1.18
CA VAL A 10 -0.17 -6.63 0.65
C VAL A 10 0.43 -7.96 0.20
N CYS A 11 1.24 -7.92 -0.84
CA CYS A 11 1.78 -9.15 -1.44
C CYS A 11 3.12 -9.52 -0.79
N GLY A 12 3.89 -8.51 -0.42
CA GLY A 12 5.17 -8.74 0.26
C GLY A 12 6.11 -9.63 -0.51
N ILE A 13 6.39 -9.28 -1.76
CA ILE A 13 7.34 -10.03 -2.56
C ILE A 13 8.42 -9.12 -3.16
N LYS A 14 8.30 -7.82 -2.91
CA LYS A 14 9.25 -6.85 -3.43
C LYS A 14 9.10 -5.51 -2.70
N GLU A 15 10.00 -4.59 -2.99
CA GLU A 15 10.00 -3.28 -2.35
C GLU A 15 8.71 -2.52 -2.67
N PHE A 16 8.28 -1.71 -1.71
CA PHE A 16 7.07 -0.91 -1.88
C PHE A 16 7.35 0.31 -2.75
N LYS A 17 6.31 0.86 -3.32
CA LYS A 17 6.42 2.06 -4.14
C LYS A 17 5.29 3.04 -3.82
N TYR A 18 4.29 2.57 -3.12
CA TYR A 18 3.13 3.39 -2.79
C TYR A 18 2.90 3.38 -1.28
N LYS A 19 1.93 4.17 -0.86
CA LYS A 19 1.60 4.27 0.55
C LYS A 19 0.18 4.81 0.68
N CYS A 20 -0.77 3.92 0.93
CA CYS A 20 -2.17 4.33 1.05
C CYS A 20 -2.34 5.44 2.07
N PRO A 21 -3.03 6.53 1.68
CA PRO A 21 -3.30 7.69 2.55
C PRO A 21 -4.16 7.31 3.75
N ARG A 22 -4.94 6.24 3.60
CA ARG A 22 -5.81 5.77 4.67
C ARG A 22 -5.15 4.69 5.49
N CYS A 23 -4.73 3.62 4.81
CA CYS A 23 -4.24 2.43 5.49
C CYS A 23 -2.78 2.59 5.91
N LEU A 24 -2.09 3.49 5.22
CA LEU A 24 -0.64 3.69 5.38
C LEU A 24 0.12 2.43 5.00
N VAL A 25 -0.56 1.53 4.30
CA VAL A 25 0.07 0.32 3.84
C VAL A 25 0.93 0.64 2.63
N GLN A 26 2.16 0.23 2.70
CA GLN A 26 3.13 0.50 1.66
C GLN A 26 3.06 -0.59 0.59
N THR A 27 2.32 -0.29 -0.46
CA THR A 27 2.10 -1.22 -1.54
C THR A 27 3.18 -1.08 -2.60
N CYS A 28 3.34 -2.11 -3.41
CA CYS A 28 4.37 -2.12 -4.44
C CYS A 28 3.83 -1.51 -5.72
N SER A 29 2.51 -1.56 -5.89
CA SER A 29 1.87 -1.08 -7.09
C SER A 29 0.40 -0.79 -6.84
N LEU A 30 -0.25 -0.12 -7.77
CA LEU A 30 -1.68 0.22 -7.64
C LEU A 30 -2.52 -1.04 -7.46
N GLU A 31 -2.12 -2.12 -8.14
CA GLU A 31 -2.81 -3.40 -8.06
C GLU A 31 -2.92 -3.89 -6.61
N CYS A 32 -1.94 -3.55 -5.80
CA CYS A 32 -1.96 -3.92 -4.39
C CYS A 32 -2.67 -2.85 -3.56
N SER A 33 -2.66 -1.62 -4.05
CA SER A 33 -3.36 -0.53 -3.38
C SER A 33 -4.87 -0.73 -3.48
N LYS A 34 -5.31 -1.29 -4.59
CA LYS A 34 -6.73 -1.59 -4.80
C LYS A 34 -7.09 -2.93 -4.18
N LYS A 35 -6.08 -3.71 -3.85
CA LYS A 35 -6.27 -5.06 -3.33
C LYS A 35 -6.92 -5.00 -1.95
N HIS A 36 -6.53 -4.01 -1.15
CA HIS A 36 -7.05 -3.88 0.21
C HIS A 36 -8.40 -3.15 0.21
N LYS A 37 -8.75 -2.53 -0.91
CA LYS A 37 -9.94 -1.71 -0.98
C LYS A 37 -11.21 -2.57 -0.97
N THR A 38 -11.07 -3.80 -1.41
CA THR A 38 -12.19 -4.72 -1.50
C THR A 38 -12.48 -5.38 -0.15
N ARG A 39 -11.68 -5.04 0.85
CA ARG A 39 -11.86 -5.61 2.18
C ARG A 39 -11.90 -4.53 3.26
N ASP A 40 -11.46 -3.33 2.92
CA ASP A 40 -11.39 -2.24 3.90
C ASP A 40 -12.42 -1.17 3.60
N ASN A 41 -13.07 -1.28 2.44
CA ASN A 41 -13.99 -0.23 1.95
C ASN A 41 -13.21 1.06 1.73
N CYS A 42 -11.93 0.87 1.45
CA CYS A 42 -11.01 1.97 1.28
C CYS A 42 -11.07 2.48 -0.16
N SER A 43 -10.87 3.76 -0.34
CA SER A 43 -10.79 4.33 -1.68
C SER A 43 -9.42 4.96 -1.93
N GLY A 44 -8.67 5.14 -0.84
CA GLY A 44 -7.36 5.76 -0.92
C GLY A 44 -7.44 7.21 -1.32
N GLN A 45 -8.37 7.92 -0.71
CA GLN A 45 -8.62 9.31 -1.04
C GLN A 45 -8.99 10.08 0.20
N THR A 46 -7.99 10.63 0.89
CA THR A 46 -8.21 11.37 2.11
C THR A 46 -8.61 12.82 1.82
N HIS A 47 -9.19 13.02 0.65
CA HIS A 47 -9.70 14.31 0.23
C HIS A 47 -11.02 14.11 -0.50
N ASP A 48 -11.75 13.09 -0.07
CA ASP A 48 -13.04 12.70 -0.64
C ASP A 48 -12.86 12.12 -2.04
N GLY A 1 18.89 8.22 0.51
CA GLY A 1 17.72 7.39 0.88
C GLY A 1 18.04 6.42 2.00
N PRO A 2 17.02 5.77 2.58
CA PRO A 2 17.21 4.83 3.69
C PRO A 2 18.01 3.61 3.29
N HIS A 3 18.92 3.19 4.16
CA HIS A 3 19.74 2.01 3.91
C HIS A 3 19.02 0.76 4.41
N MET A 4 17.79 0.59 3.94
CA MET A 4 16.95 -0.54 4.32
C MET A 4 15.68 -0.53 3.48
N ALA A 5 15.07 -1.70 3.31
CA ALA A 5 13.88 -1.81 2.49
C ALA A 5 12.72 -2.38 3.28
N VAL A 6 11.53 -2.05 2.83
CA VAL A 6 10.31 -2.61 3.38
C VAL A 6 9.48 -3.12 2.23
N LEU A 7 8.83 -4.24 2.42
CA LEU A 7 8.10 -4.84 1.33
C LEU A 7 6.64 -4.45 1.38
N CYS A 8 5.94 -4.76 0.33
CA CYS A 8 4.53 -4.46 0.18
C CYS A 8 3.75 -4.89 1.42
N GLY A 9 2.96 -3.98 1.96
CA GLY A 9 2.13 -4.31 3.10
C GLY A 9 1.04 -5.30 2.74
N VAL A 10 0.77 -5.44 1.46
CA VAL A 10 -0.26 -6.36 0.98
C VAL A 10 0.32 -7.73 0.64
N CYS A 11 1.27 -7.78 -0.29
CA CYS A 11 1.80 -9.06 -0.76
C CYS A 11 3.22 -9.33 -0.25
N GLY A 12 3.84 -8.29 0.33
CA GLY A 12 5.16 -8.40 0.94
C GLY A 12 6.23 -8.90 0.00
N ILE A 13 6.16 -8.52 -1.26
CA ILE A 13 7.21 -8.87 -2.21
C ILE A 13 7.53 -7.67 -3.11
N LYS A 14 8.70 -7.74 -3.75
CA LYS A 14 9.17 -6.78 -4.76
C LYS A 14 9.26 -5.36 -4.23
N GLU A 15 9.34 -5.22 -2.90
CA GLU A 15 9.47 -3.92 -2.24
C GLU A 15 8.24 -3.04 -2.44
N PHE A 16 8.02 -2.16 -1.49
CA PHE A 16 6.94 -1.19 -1.58
C PHE A 16 7.33 -0.05 -2.52
N LYS A 17 6.32 0.58 -3.10
CA LYS A 17 6.53 1.72 -3.98
C LYS A 17 5.50 2.81 -3.67
N TYR A 18 4.35 2.39 -3.17
CA TYR A 18 3.25 3.29 -2.87
C TYR A 18 2.99 3.33 -1.38
N LYS A 19 1.95 4.06 -1.01
CA LYS A 19 1.53 4.14 0.38
C LYS A 19 0.14 4.78 0.44
N CYS A 20 -0.87 3.94 0.69
CA CYS A 20 -2.25 4.41 0.80
C CYS A 20 -2.34 5.58 1.77
N PRO A 21 -2.92 6.71 1.34
CA PRO A 21 -3.05 7.91 2.17
C PRO A 21 -3.94 7.68 3.39
N ARG A 22 -4.67 6.57 3.40
CA ARG A 22 -5.51 6.24 4.52
C ARG A 22 -4.92 5.09 5.33
N CYS A 23 -4.65 3.97 4.67
CA CYS A 23 -4.16 2.79 5.37
C CYS A 23 -2.70 2.96 5.78
N LEU A 24 -2.00 3.83 5.06
CA LEU A 24 -0.56 4.04 5.21
C LEU A 24 0.21 2.77 4.84
N VAL A 25 -0.49 1.85 4.19
CA VAL A 25 0.10 0.60 3.76
C VAL A 25 1.00 0.82 2.56
N GLN A 26 2.25 0.46 2.73
CA GLN A 26 3.23 0.60 1.68
C GLN A 26 3.06 -0.53 0.66
N THR A 27 2.34 -0.22 -0.41
CA THR A 27 2.02 -1.18 -1.44
C THR A 27 3.09 -1.18 -2.53
N CYS A 28 3.21 -2.29 -3.23
CA CYS A 28 4.21 -2.43 -4.28
C CYS A 28 3.72 -1.80 -5.57
N SER A 29 2.42 -1.78 -5.74
CA SER A 29 1.82 -1.29 -6.96
C SER A 29 0.47 -0.66 -6.68
N LEU A 30 -0.13 -0.07 -7.71
CA LEU A 30 -1.47 0.47 -7.58
C LEU A 30 -2.45 -0.69 -7.44
N GLU A 31 -2.05 -1.85 -7.94
CA GLU A 31 -2.87 -3.05 -7.88
C GLU A 31 -3.12 -3.45 -6.43
N CYS A 32 -2.05 -3.55 -5.65
CA CYS A 32 -2.17 -3.87 -4.24
C CYS A 32 -2.82 -2.72 -3.47
N SER A 33 -2.70 -1.51 -4.02
CA SER A 33 -3.28 -0.33 -3.40
C SER A 33 -4.81 -0.36 -3.51
N LYS A 34 -5.32 -1.08 -4.50
CA LYS A 34 -6.75 -1.20 -4.67
C LYS A 34 -7.24 -2.57 -4.21
N LYS A 35 -6.29 -3.45 -3.89
CA LYS A 35 -6.60 -4.78 -3.42
C LYS A 35 -7.25 -4.73 -2.04
N HIS A 36 -6.71 -3.87 -1.17
CA HIS A 36 -7.24 -3.75 0.17
C HIS A 36 -8.59 -3.03 0.18
N LYS A 37 -8.91 -2.33 -0.91
CA LYS A 37 -10.13 -1.55 -0.97
C LYS A 37 -11.34 -2.46 -1.10
N THR A 38 -11.15 -3.57 -1.79
CA THR A 38 -12.26 -4.46 -2.11
C THR A 38 -12.48 -5.50 -1.02
N ARG A 39 -11.70 -5.42 0.05
CA ARG A 39 -11.81 -6.37 1.15
C ARG A 39 -11.91 -5.67 2.49
N ASP A 40 -11.21 -4.55 2.63
CA ASP A 40 -11.17 -3.84 3.90
C ASP A 40 -12.03 -2.59 3.85
N ASN A 41 -12.57 -2.32 2.66
CA ASN A 41 -13.39 -1.13 2.42
C ASN A 41 -12.57 0.15 2.64
N CYS A 42 -11.91 0.60 1.58
CA CYS A 42 -11.09 1.80 1.65
C CYS A 42 -11.30 2.65 0.43
N SER A 43 -11.39 3.96 0.63
CA SER A 43 -11.53 4.89 -0.48
C SER A 43 -10.16 5.26 -1.02
N GLY A 44 -9.13 4.95 -0.23
CA GLY A 44 -7.74 5.11 -0.65
C GLY A 44 -7.39 6.51 -1.08
N GLN A 45 -7.95 7.51 -0.41
CA GLN A 45 -7.74 8.89 -0.79
C GLN A 45 -7.92 9.78 0.41
N THR A 46 -7.20 10.88 0.45
CA THR A 46 -7.36 11.85 1.52
C THR A 46 -7.65 13.22 0.93
N HIS A 47 -6.90 13.53 -0.10
CA HIS A 47 -7.09 14.74 -0.89
C HIS A 47 -6.61 14.43 -2.29
N ASP A 48 -6.91 13.20 -2.69
CA ASP A 48 -6.32 12.59 -3.87
C ASP A 48 -7.36 12.44 -4.96
N GLY A 1 21.19 4.73 -5.82
CA GLY A 1 19.75 4.43 -6.02
C GLY A 1 18.93 4.78 -4.80
N PRO A 2 17.61 4.60 -4.86
CA PRO A 2 16.72 4.88 -3.73
C PRO A 2 16.93 3.87 -2.60
N HIS A 3 17.21 4.37 -1.40
CA HIS A 3 17.43 3.51 -0.26
C HIS A 3 16.10 3.14 0.40
N MET A 4 15.04 3.82 -0.02
CA MET A 4 13.71 3.52 0.47
C MET A 4 13.29 2.11 0.07
N ALA A 5 12.87 1.32 1.05
CA ALA A 5 12.54 -0.08 0.83
C ALA A 5 11.77 -0.63 2.01
N VAL A 6 11.31 -1.85 1.86
CA VAL A 6 10.38 -2.48 2.78
C VAL A 6 9.81 -3.68 2.05
N LEU A 7 8.88 -4.39 2.65
CA LEU A 7 8.11 -5.33 1.87
C LEU A 7 6.63 -4.93 1.86
N CYS A 8 6.08 -4.95 0.65
CA CYS A 8 4.69 -4.58 0.39
C CYS A 8 3.73 -5.18 1.42
N GLY A 9 2.95 -4.32 2.06
CA GLY A 9 2.04 -4.75 3.10
C GLY A 9 1.00 -5.74 2.61
N VAL A 10 0.66 -5.68 1.33
CA VAL A 10 -0.35 -6.54 0.77
C VAL A 10 0.22 -7.90 0.36
N CYS A 11 1.10 -7.90 -0.64
CA CYS A 11 1.61 -9.15 -1.19
C CYS A 11 2.95 -9.54 -0.56
N GLY A 12 3.74 -8.53 -0.18
CA GLY A 12 5.01 -8.76 0.49
C GLY A 12 5.93 -9.72 -0.25
N ILE A 13 6.47 -9.29 -1.38
CA ILE A 13 7.40 -10.13 -2.13
C ILE A 13 8.60 -9.36 -2.68
N LYS A 14 8.47 -8.05 -2.93
CA LYS A 14 9.56 -7.30 -3.54
C LYS A 14 9.96 -6.07 -2.73
N GLU A 15 9.06 -5.10 -2.61
CA GLU A 15 9.37 -3.80 -2.05
C GLU A 15 8.13 -2.93 -2.15
N PHE A 16 8.12 -1.79 -1.48
CA PHE A 16 7.01 -0.85 -1.62
C PHE A 16 7.33 0.22 -2.65
N LYS A 17 6.28 0.83 -3.18
CA LYS A 17 6.40 1.92 -4.13
C LYS A 17 5.34 2.97 -3.83
N TYR A 18 4.30 2.56 -3.11
CA TYR A 18 3.20 3.43 -2.73
C TYR A 18 3.00 3.37 -1.23
N LYS A 19 2.01 4.11 -0.75
CA LYS A 19 1.66 4.12 0.66
C LYS A 19 0.30 4.78 0.83
N CYS A 20 -0.74 3.96 0.93
CA CYS A 20 -2.11 4.46 1.02
C CYS A 20 -2.24 5.60 2.02
N PRO A 21 -2.78 6.75 1.57
CA PRO A 21 -2.97 7.93 2.41
C PRO A 21 -3.94 7.68 3.58
N ARG A 22 -4.66 6.58 3.50
CA ARG A 22 -5.55 6.18 4.59
C ARG A 22 -4.87 5.12 5.46
N CYS A 23 -4.52 4.00 4.83
CA CYS A 23 -4.06 2.82 5.57
C CYS A 23 -2.59 2.92 5.93
N LEU A 24 -1.87 3.77 5.22
CA LEU A 24 -0.43 3.95 5.38
C LEU A 24 0.31 2.67 5.02
N VAL A 25 -0.38 1.76 4.33
CA VAL A 25 0.21 0.51 3.92
C VAL A 25 1.09 0.73 2.71
N GLN A 26 2.32 0.29 2.84
CA GLN A 26 3.31 0.44 1.80
C GLN A 26 3.11 -0.63 0.73
N THR A 27 2.39 -0.27 -0.31
CA THR A 27 2.09 -1.18 -1.39
C THR A 27 3.15 -1.09 -2.49
N CYS A 28 3.28 -2.15 -3.25
CA CYS A 28 4.28 -2.22 -4.30
C CYS A 28 3.75 -1.61 -5.60
N SER A 29 2.43 -1.60 -5.75
CA SER A 29 1.81 -1.08 -6.95
C SER A 29 0.35 -0.71 -6.68
N LEU A 30 -0.28 -0.03 -7.64
CA LEU A 30 -1.68 0.33 -7.52
C LEU A 30 -2.55 -0.92 -7.34
N GLU A 31 -2.10 -2.02 -7.96
CA GLU A 31 -2.74 -3.32 -7.81
C GLU A 31 -2.98 -3.65 -6.34
N CYS A 32 -1.94 -3.49 -5.53
CA CYS A 32 -2.02 -3.78 -4.12
C CYS A 32 -2.71 -2.66 -3.35
N SER A 33 -2.65 -1.45 -3.88
CA SER A 33 -3.30 -0.31 -3.26
C SER A 33 -4.81 -0.46 -3.31
N LYS A 34 -5.32 -0.98 -4.42
CA LYS A 34 -6.74 -1.18 -4.58
C LYS A 34 -7.17 -2.53 -4.00
N LYS A 35 -6.18 -3.33 -3.62
CA LYS A 35 -6.43 -4.68 -3.11
C LYS A 35 -7.17 -4.61 -1.78
N HIS A 36 -6.70 -3.74 -0.89
CA HIS A 36 -7.32 -3.61 0.43
C HIS A 36 -8.66 -2.86 0.33
N LYS A 37 -8.87 -2.21 -0.81
CA LYS A 37 -10.10 -1.42 -1.01
C LYS A 37 -11.27 -2.34 -1.33
N THR A 38 -10.98 -3.49 -1.89
CA THR A 38 -12.02 -4.42 -2.32
C THR A 38 -12.31 -5.46 -1.24
N ARG A 39 -11.57 -5.39 -0.13
CA ARG A 39 -11.74 -6.36 0.94
C ARG A 39 -11.94 -5.68 2.30
N ASP A 40 -11.36 -4.50 2.47
CA ASP A 40 -11.49 -3.77 3.74
C ASP A 40 -12.24 -2.46 3.54
N ASN A 41 -12.59 -2.17 2.29
CA ASN A 41 -13.28 -0.93 1.91
C ASN A 41 -12.43 0.30 2.24
N CYS A 42 -11.85 0.89 1.21
CA CYS A 42 -10.99 2.06 1.40
C CYS A 42 -11.05 2.96 0.16
N SER A 43 -11.20 4.25 0.39
CA SER A 43 -11.26 5.19 -0.71
C SER A 43 -9.87 5.62 -1.17
N GLY A 44 -8.90 5.40 -0.29
CA GLY A 44 -7.50 5.65 -0.60
C GLY A 44 -7.21 7.07 -1.03
N GLN A 45 -7.93 8.04 -0.47
CA GLN A 45 -7.77 9.42 -0.87
C GLN A 45 -7.57 10.31 0.35
N THR A 46 -7.05 9.69 1.41
CA THR A 46 -6.81 10.36 2.69
C THR A 46 -8.11 10.69 3.42
N HIS A 47 -9.00 11.40 2.73
CA HIS A 47 -10.29 11.78 3.30
C HIS A 47 -11.03 10.56 3.82
N ASP A 48 -11.46 10.64 5.07
CA ASP A 48 -12.13 9.53 5.72
C ASP A 48 -13.65 9.68 5.60
N GLY A 1 20.28 9.19 -0.66
CA GLY A 1 19.21 9.64 0.26
C GLY A 1 18.64 8.50 1.07
N PRO A 2 17.44 8.66 1.63
CA PRO A 2 16.78 7.62 2.42
C PRO A 2 16.47 6.39 1.56
N HIS A 3 17.11 5.27 1.86
CA HIS A 3 16.91 4.05 1.09
C HIS A 3 15.52 3.48 1.37
N MET A 4 15.02 3.73 2.57
CA MET A 4 13.69 3.32 2.98
C MET A 4 13.49 1.81 2.82
N ALA A 5 12.80 1.42 1.76
CA ALA A 5 12.54 0.01 1.45
C ALA A 5 11.62 -0.60 2.49
N VAL A 6 11.19 -1.80 2.19
CA VAL A 6 10.15 -2.48 2.92
C VAL A 6 9.72 -3.67 2.09
N LEU A 7 8.79 -4.45 2.57
CA LEU A 7 8.10 -5.37 1.71
C LEU A 7 6.62 -5.05 1.69
N CYS A 8 6.10 -4.92 0.48
CA CYS A 8 4.71 -4.56 0.22
C CYS A 8 3.75 -5.17 1.24
N GLY A 9 3.04 -4.30 1.96
CA GLY A 9 2.16 -4.76 3.03
C GLY A 9 1.08 -5.70 2.55
N VAL A 10 0.78 -5.68 1.26
CA VAL A 10 -0.29 -6.50 0.72
C VAL A 10 0.23 -7.88 0.28
N CYS A 11 1.14 -7.90 -0.70
CA CYS A 11 1.58 -9.18 -1.27
C CYS A 11 2.88 -9.66 -0.64
N GLY A 12 3.62 -8.71 -0.06
CA GLY A 12 4.81 -9.00 0.72
C GLY A 12 5.90 -9.72 -0.04
N ILE A 13 6.13 -9.38 -1.30
CA ILE A 13 7.15 -10.08 -2.08
C ILE A 13 8.22 -9.13 -2.66
N LYS A 14 7.94 -7.83 -2.66
CA LYS A 14 8.90 -6.86 -3.19
C LYS A 14 8.81 -5.53 -2.45
N GLU A 15 9.71 -4.63 -2.80
CA GLU A 15 9.78 -3.29 -2.20
C GLU A 15 8.52 -2.49 -2.49
N PHE A 16 8.24 -1.53 -1.64
CA PHE A 16 7.08 -0.66 -1.81
C PHE A 16 7.38 0.43 -2.84
N LYS A 17 6.33 0.97 -3.42
CA LYS A 17 6.42 2.08 -4.34
C LYS A 17 5.29 3.07 -4.06
N TYR A 18 4.32 2.61 -3.27
CA TYR A 18 3.17 3.43 -2.89
C TYR A 18 2.95 3.33 -1.39
N LYS A 19 1.95 4.04 -0.92
CA LYS A 19 1.59 4.04 0.49
C LYS A 19 0.22 4.67 0.67
N CYS A 20 -0.79 3.83 0.82
CA CYS A 20 -2.17 4.31 0.99
C CYS A 20 -2.25 5.35 2.11
N PRO A 21 -2.78 6.54 1.80
CA PRO A 21 -2.91 7.63 2.78
C PRO A 21 -3.90 7.28 3.90
N ARG A 22 -4.67 6.22 3.68
CA ARG A 22 -5.61 5.74 4.68
C ARG A 22 -5.01 4.62 5.50
N CYS A 23 -4.59 3.57 4.81
CA CYS A 23 -4.17 2.34 5.46
C CYS A 23 -2.69 2.40 5.85
N LEU A 24 -2.00 3.39 5.30
CA LEU A 24 -0.56 3.57 5.49
C LEU A 24 0.21 2.34 5.05
N VAL A 25 -0.41 1.54 4.19
CA VAL A 25 0.21 0.34 3.71
C VAL A 25 1.12 0.65 2.52
N GLN A 26 2.39 0.37 2.69
CA GLN A 26 3.37 0.54 1.63
C GLN A 26 3.19 -0.55 0.60
N THR A 27 2.51 -0.21 -0.48
CA THR A 27 2.21 -1.15 -1.54
C THR A 27 3.26 -1.09 -2.64
N CYS A 28 3.42 -2.20 -3.33
CA CYS A 28 4.42 -2.32 -4.38
C CYS A 28 3.93 -1.66 -5.66
N SER A 29 2.61 -1.65 -5.86
CA SER A 29 2.01 -1.09 -7.06
C SER A 29 0.55 -0.75 -6.82
N LEU A 30 -0.11 -0.12 -7.78
CA LEU A 30 -1.51 0.25 -7.65
C LEU A 30 -2.39 -0.98 -7.46
N GLU A 31 -1.99 -2.09 -8.09
CA GLU A 31 -2.69 -3.36 -7.96
C GLU A 31 -2.93 -3.70 -6.49
N CYS A 32 -1.89 -3.54 -5.68
CA CYS A 32 -1.98 -3.82 -4.26
C CYS A 32 -2.63 -2.66 -3.50
N SER A 33 -2.46 -1.45 -4.04
CA SER A 33 -3.02 -0.26 -3.42
C SER A 33 -4.55 -0.28 -3.50
N LYS A 34 -5.07 -1.04 -4.46
CA LYS A 34 -6.51 -1.16 -4.61
C LYS A 34 -6.99 -2.55 -4.20
N LYS A 35 -6.05 -3.38 -3.76
CA LYS A 35 -6.37 -4.75 -3.39
C LYS A 35 -7.04 -4.79 -2.02
N HIS A 36 -6.58 -3.91 -1.13
CA HIS A 36 -7.13 -3.84 0.21
C HIS A 36 -8.49 -3.14 0.19
N LYS A 37 -8.76 -2.41 -0.88
CA LYS A 37 -9.96 -1.60 -0.99
C LYS A 37 -11.20 -2.49 -1.10
N THR A 38 -11.00 -3.70 -1.58
CA THR A 38 -12.11 -4.62 -1.83
C THR A 38 -12.47 -5.42 -0.58
N ARG A 39 -11.71 -5.22 0.50
CA ARG A 39 -11.96 -5.97 1.73
C ARG A 39 -12.05 -5.04 2.94
N ASP A 40 -11.36 -3.90 2.89
CA ASP A 40 -11.36 -2.97 4.01
C ASP A 40 -12.30 -1.80 3.73
N ASN A 41 -12.78 -1.72 2.48
CA ASN A 41 -13.60 -0.59 2.04
C ASN A 41 -12.78 0.70 2.13
N CYS A 42 -12.00 0.95 1.10
CA CYS A 42 -11.07 2.07 1.11
C CYS A 42 -11.07 2.77 -0.25
N SER A 43 -11.05 4.10 -0.24
CA SER A 43 -10.91 4.86 -1.48
C SER A 43 -9.47 5.31 -1.66
N GLY A 44 -8.73 5.28 -0.55
CA GLY A 44 -7.33 5.63 -0.59
C GLY A 44 -7.10 7.11 -0.61
N GLN A 45 -7.65 7.79 0.38
CA GLN A 45 -7.52 9.23 0.49
C GLN A 45 -7.68 9.61 1.96
N THR A 46 -7.08 10.72 2.36
CA THR A 46 -7.15 11.12 3.75
C THR A 46 -8.53 11.67 4.08
N HIS A 47 -8.92 11.58 5.35
CA HIS A 47 -10.22 12.04 5.80
C HIS A 47 -10.27 13.57 5.84
N ASP A 48 -10.39 14.18 4.68
CA ASP A 48 -10.47 15.63 4.57
C ASP A 48 -11.92 16.06 4.42
N GLY A 1 20.29 6.52 0.10
CA GLY A 1 19.34 6.25 1.19
C GLY A 1 19.98 5.45 2.31
N PRO A 2 19.24 5.22 3.42
CA PRO A 2 19.77 4.47 4.55
C PRO A 2 19.69 2.96 4.33
N HIS A 3 19.40 2.56 3.10
CA HIS A 3 19.33 1.14 2.71
C HIS A 3 18.23 0.43 3.49
N MET A 4 17.16 1.14 3.78
CA MET A 4 16.06 0.57 4.55
C MET A 4 14.84 0.35 3.65
N ALA A 5 14.96 -0.61 2.75
CA ALA A 5 13.87 -0.95 1.86
C ALA A 5 12.82 -1.74 2.61
N VAL A 6 11.58 -1.55 2.23
CA VAL A 6 10.46 -2.22 2.88
C VAL A 6 9.65 -3.00 1.85
N LEU A 7 9.25 -4.21 2.22
CA LEU A 7 8.42 -5.03 1.37
C LEU A 7 6.97 -4.56 1.41
N CYS A 8 6.28 -4.82 0.32
CA CYS A 8 4.86 -4.49 0.17
C CYS A 8 4.06 -4.97 1.38
N GLY A 9 3.20 -4.10 1.89
CA GLY A 9 2.39 -4.42 3.03
C GLY A 9 1.27 -5.41 2.70
N VAL A 10 0.91 -5.47 1.42
CA VAL A 10 -0.15 -6.37 0.99
C VAL A 10 0.40 -7.74 0.60
N CYS A 11 1.08 -7.81 -0.54
CA CYS A 11 1.55 -9.09 -1.06
C CYS A 11 2.87 -9.49 -0.41
N GLY A 12 3.70 -8.48 -0.16
CA GLY A 12 4.93 -8.68 0.59
C GLY A 12 5.99 -9.47 -0.13
N ILE A 13 6.02 -9.41 -1.45
CA ILE A 13 7.00 -10.19 -2.21
C ILE A 13 8.01 -9.30 -2.93
N LYS A 14 7.75 -8.00 -2.96
CA LYS A 14 8.65 -7.05 -3.58
C LYS A 14 8.63 -5.73 -2.83
N GLU A 15 9.57 -4.86 -3.15
CA GLU A 15 9.72 -3.57 -2.47
C GLU A 15 8.48 -2.70 -2.72
N PHE A 16 8.18 -1.84 -1.75
CA PHE A 16 7.03 -0.96 -1.84
C PHE A 16 7.32 0.22 -2.75
N LYS A 17 6.26 0.91 -3.15
CA LYS A 17 6.37 2.09 -4.00
C LYS A 17 5.28 3.10 -3.67
N TYR A 18 4.23 2.63 -3.01
CA TYR A 18 3.11 3.49 -2.66
C TYR A 18 2.84 3.41 -1.16
N LYS A 19 1.95 4.27 -0.68
CA LYS A 19 1.52 4.24 0.70
C LYS A 19 0.14 4.87 0.80
N CYS A 20 -0.89 4.03 0.91
CA CYS A 20 -2.27 4.50 0.99
C CYS A 20 -2.43 5.61 2.04
N PRO A 21 -3.07 6.72 1.65
CA PRO A 21 -3.33 7.85 2.56
C PRO A 21 -4.22 7.46 3.73
N ARG A 22 -4.92 6.35 3.60
CA ARG A 22 -5.78 5.85 4.67
C ARG A 22 -5.10 4.74 5.45
N CYS A 23 -4.47 3.82 4.75
CA CYS A 23 -4.00 2.59 5.37
C CYS A 23 -2.52 2.61 5.67
N LEU A 24 -1.81 3.57 5.09
CA LEU A 24 -0.36 3.72 5.24
C LEU A 24 0.39 2.45 4.85
N VAL A 25 -0.34 1.50 4.33
CA VAL A 25 0.22 0.27 3.81
C VAL A 25 1.11 0.58 2.61
N GLN A 26 2.36 0.25 2.76
CA GLN A 26 3.35 0.47 1.73
C GLN A 26 3.19 -0.58 0.64
N THR A 27 2.39 -0.24 -0.36
CA THR A 27 2.07 -1.14 -1.44
C THR A 27 3.13 -1.07 -2.53
N CYS A 28 3.30 -2.18 -3.24
CA CYS A 28 4.31 -2.27 -4.28
C CYS A 28 3.83 -1.64 -5.58
N SER A 29 2.52 -1.66 -5.77
CA SER A 29 1.92 -1.11 -6.98
C SER A 29 0.45 -0.80 -6.74
N LEU A 30 -0.18 -0.08 -7.66
CA LEU A 30 -1.59 0.28 -7.53
C LEU A 30 -2.47 -0.96 -7.41
N GLU A 31 -2.01 -2.04 -8.01
CA GLU A 31 -2.68 -3.33 -7.92
C GLU A 31 -2.90 -3.73 -6.45
N CYS A 32 -1.91 -3.48 -5.61
CA CYS A 32 -2.01 -3.78 -4.20
C CYS A 32 -2.68 -2.62 -3.45
N SER A 33 -2.58 -1.42 -4.02
CA SER A 33 -3.19 -0.24 -3.42
C SER A 33 -4.71 -0.37 -3.44
N LYS A 34 -5.22 -1.11 -4.42
CA LYS A 34 -6.66 -1.33 -4.54
C LYS A 34 -7.04 -2.68 -3.94
N LYS A 35 -6.04 -3.50 -3.64
CA LYS A 35 -6.27 -4.84 -3.12
C LYS A 35 -7.00 -4.79 -1.78
N HIS A 36 -6.60 -3.85 -0.94
CA HIS A 36 -7.21 -3.72 0.38
C HIS A 36 -8.56 -2.99 0.29
N LYS A 37 -8.88 -2.46 -0.88
CA LYS A 37 -10.07 -1.65 -1.03
C LYS A 37 -11.30 -2.54 -1.18
N THR A 38 -11.11 -3.69 -1.82
CA THR A 38 -12.20 -4.62 -2.04
C THR A 38 -12.57 -5.35 -0.75
N ARG A 39 -11.63 -5.37 0.20
CA ARG A 39 -11.83 -6.11 1.44
C ARG A 39 -12.16 -5.18 2.61
N ASP A 40 -11.58 -4.00 2.63
CA ASP A 40 -11.76 -3.09 3.77
C ASP A 40 -12.50 -1.82 3.37
N ASN A 41 -13.05 -1.83 2.15
CA ASN A 41 -13.89 -0.73 1.66
C ASN A 41 -13.17 0.61 1.71
N CYS A 42 -11.89 0.60 1.35
CA CYS A 42 -11.09 1.81 1.34
C CYS A 42 -11.19 2.48 -0.03
N SER A 43 -11.06 3.80 -0.04
CA SER A 43 -11.12 4.56 -1.28
C SER A 43 -9.72 4.92 -1.77
N GLY A 44 -8.76 4.86 -0.84
CA GLY A 44 -7.39 5.25 -1.17
C GLY A 44 -7.25 6.75 -1.23
N GLN A 45 -8.06 7.46 -0.46
CA GLN A 45 -8.07 8.91 -0.43
C GLN A 45 -8.27 9.32 1.02
N THR A 46 -7.42 10.20 1.51
CA THR A 46 -7.34 10.48 2.94
C THR A 46 -8.72 10.79 3.53
N HIS A 47 -9.41 11.76 2.96
CA HIS A 47 -10.76 12.07 3.35
C HIS A 47 -11.62 12.20 2.11
N ASP A 48 -11.23 13.12 1.24
CA ASP A 48 -11.89 13.32 -0.04
C ASP A 48 -10.89 13.82 -1.06
N GLY A 1 11.45 5.41 11.76
CA GLY A 1 11.00 4.00 11.91
C GLY A 1 11.92 3.05 11.19
N PRO A 2 11.38 2.21 10.28
CA PRO A 2 12.18 1.28 9.49
C PRO A 2 12.97 2.01 8.40
N HIS A 3 14.20 2.40 8.73
CA HIS A 3 15.08 3.09 7.80
C HIS A 3 15.76 2.09 6.87
N MET A 4 14.94 1.28 6.21
CA MET A 4 15.42 0.25 5.31
C MET A 4 14.41 0.07 4.18
N ALA A 5 14.66 -0.86 3.29
CA ALA A 5 13.71 -1.17 2.24
C ALA A 5 12.55 -1.96 2.81
N VAL A 6 11.36 -1.54 2.46
CA VAL A 6 10.16 -2.15 3.00
C VAL A 6 9.45 -2.97 1.93
N LEU A 7 9.15 -4.22 2.25
CA LEU A 7 8.38 -5.08 1.37
C LEU A 7 6.91 -4.68 1.42
N CYS A 8 6.24 -4.87 0.29
CA CYS A 8 4.82 -4.56 0.13
C CYS A 8 3.99 -5.10 1.30
N GLY A 9 3.18 -4.24 1.88
CA GLY A 9 2.35 -4.62 3.01
C GLY A 9 1.24 -5.58 2.63
N VAL A 10 0.91 -5.63 1.34
CA VAL A 10 -0.15 -6.51 0.88
C VAL A 10 0.40 -7.87 0.45
N CYS A 11 1.14 -7.91 -0.65
CA CYS A 11 1.58 -9.18 -1.22
C CYS A 11 2.92 -9.63 -0.61
N GLY A 12 3.72 -8.63 -0.25
CA GLY A 12 4.96 -8.87 0.47
C GLY A 12 6.01 -9.66 -0.30
N ILE A 13 6.09 -9.45 -1.61
CA ILE A 13 7.05 -10.18 -2.43
C ILE A 13 8.07 -9.26 -3.10
N LYS A 14 7.93 -7.95 -2.93
CA LYS A 14 8.86 -7.01 -3.51
C LYS A 14 8.77 -5.65 -2.82
N GLU A 15 9.67 -4.75 -3.17
CA GLU A 15 9.77 -3.44 -2.52
C GLU A 15 8.51 -2.62 -2.74
N PHE A 16 8.21 -1.74 -1.80
CA PHE A 16 7.05 -0.87 -1.89
C PHE A 16 7.33 0.32 -2.81
N LYS A 17 6.27 0.94 -3.28
CA LYS A 17 6.37 2.14 -4.08
C LYS A 17 5.26 3.12 -3.70
N TYR A 18 4.15 2.57 -3.21
CA TYR A 18 3.01 3.37 -2.83
C TYR A 18 2.81 3.35 -1.32
N LYS A 19 1.86 4.13 -0.85
CA LYS A 19 1.51 4.17 0.55
C LYS A 19 0.12 4.75 0.68
N CYS A 20 -0.87 3.90 0.91
CA CYS A 20 -2.25 4.34 1.02
C CYS A 20 -2.38 5.51 2.00
N PRO A 21 -2.97 6.62 1.54
CA PRO A 21 -3.16 7.81 2.39
C PRO A 21 -4.09 7.54 3.56
N ARG A 22 -4.79 6.41 3.50
CA ARG A 22 -5.72 6.04 4.56
C ARG A 22 -5.18 4.88 5.40
N CYS A 23 -4.65 3.86 4.75
CA CYS A 23 -4.19 2.68 5.47
C CYS A 23 -2.73 2.81 5.87
N LEU A 24 -2.02 3.67 5.16
CA LEU A 24 -0.57 3.87 5.33
C LEU A 24 0.20 2.61 4.94
N VAL A 25 -0.49 1.64 4.34
CA VAL A 25 0.14 0.42 3.91
C VAL A 25 0.99 0.69 2.68
N GLN A 26 2.26 0.39 2.80
CA GLN A 26 3.21 0.58 1.73
C GLN A 26 3.07 -0.53 0.71
N THR A 27 2.45 -0.20 -0.41
CA THR A 27 2.14 -1.17 -1.44
C THR A 27 3.18 -1.11 -2.55
N CYS A 28 3.37 -2.24 -3.22
CA CYS A 28 4.37 -2.34 -4.28
C CYS A 28 3.91 -1.62 -5.54
N SER A 29 2.60 -1.62 -5.75
CA SER A 29 2.03 -1.06 -6.96
C SER A 29 0.55 -0.77 -6.75
N LEU A 30 -0.07 -0.08 -7.70
CA LEU A 30 -1.45 0.37 -7.56
C LEU A 30 -2.38 -0.83 -7.37
N GLU A 31 -2.02 -1.96 -7.97
CA GLU A 31 -2.76 -3.19 -7.85
C GLU A 31 -3.00 -3.56 -6.38
N CYS A 32 -1.96 -3.46 -5.59
CA CYS A 32 -2.05 -3.77 -4.17
C CYS A 32 -2.68 -2.60 -3.42
N SER A 33 -2.51 -1.41 -3.96
CA SER A 33 -3.10 -0.21 -3.38
C SER A 33 -4.63 -0.27 -3.48
N LYS A 34 -5.11 -0.93 -4.51
CA LYS A 34 -6.55 -1.07 -4.74
C LYS A 34 -7.05 -2.41 -4.23
N LYS A 35 -6.12 -3.28 -3.83
CA LYS A 35 -6.46 -4.63 -3.43
C LYS A 35 -7.13 -4.65 -2.07
N HIS A 36 -6.59 -3.86 -1.14
CA HIS A 36 -7.14 -3.82 0.22
C HIS A 36 -8.50 -3.15 0.23
N LYS A 37 -8.88 -2.56 -0.89
CA LYS A 37 -10.13 -1.82 -0.99
C LYS A 37 -11.32 -2.77 -1.12
N THR A 38 -11.04 -4.01 -1.47
CA THR A 38 -12.11 -4.98 -1.63
C THR A 38 -12.44 -5.66 -0.30
N ARG A 39 -11.55 -5.49 0.68
CA ARG A 39 -11.75 -6.08 2.00
C ARG A 39 -12.08 -5.00 3.04
N ASP A 40 -11.45 -3.84 2.91
CA ASP A 40 -11.64 -2.76 3.88
C ASP A 40 -12.63 -1.72 3.35
N ASN A 41 -12.94 -1.80 2.05
CA ASN A 41 -13.82 -0.85 1.38
C ASN A 41 -13.19 0.54 1.34
N CYS A 42 -11.88 0.56 1.59
CA CYS A 42 -11.10 1.78 1.60
C CYS A 42 -11.16 2.49 0.25
N SER A 43 -11.27 3.81 0.31
CA SER A 43 -11.27 4.62 -0.90
C SER A 43 -9.83 4.84 -1.39
N GLY A 44 -8.90 4.84 -0.42
CA GLY A 44 -7.50 4.96 -0.73
C GLY A 44 -7.10 6.33 -1.24
N GLN A 45 -7.77 7.36 -0.75
CA GLN A 45 -7.48 8.71 -1.19
C GLN A 45 -7.93 9.68 -0.11
N THR A 46 -7.14 10.71 0.11
CA THR A 46 -7.50 11.73 1.06
C THR A 46 -7.30 13.11 0.43
N HIS A 47 -8.03 14.10 0.91
CA HIS A 47 -7.83 15.46 0.46
C HIS A 47 -7.23 16.29 1.58
N ASP A 48 -5.92 16.46 1.53
CA ASP A 48 -5.16 17.13 2.60
C ASP A 48 -5.26 16.34 3.89
N GLY A 1 21.61 -8.64 5.63
CA GLY A 1 21.00 -7.68 4.68
C GLY A 1 20.40 -6.48 5.39
N PRO A 2 20.60 -5.26 4.87
CA PRO A 2 20.05 -4.05 5.48
C PRO A 2 18.54 -3.94 5.27
N HIS A 3 17.91 -3.03 5.98
CA HIS A 3 16.47 -2.84 5.87
C HIS A 3 16.16 -1.44 5.37
N MET A 4 16.87 -1.04 4.32
CA MET A 4 16.71 0.29 3.75
C MET A 4 15.38 0.40 3.03
N ALA A 5 15.01 -0.68 2.35
CA ALA A 5 13.75 -0.74 1.65
C ALA A 5 12.72 -1.48 2.49
N VAL A 6 11.47 -1.40 2.07
CA VAL A 6 10.40 -2.07 2.77
C VAL A 6 9.58 -2.91 1.81
N LEU A 7 9.24 -4.12 2.23
CA LEU A 7 8.42 -5.01 1.43
C LEU A 7 6.96 -4.59 1.47
N CYS A 8 6.28 -4.85 0.38
CA CYS A 8 4.87 -4.53 0.22
C CYS A 8 4.03 -5.09 1.37
N GLY A 9 3.24 -4.23 1.98
CA GLY A 9 2.39 -4.63 3.10
C GLY A 9 1.30 -5.61 2.70
N VAL A 10 0.96 -5.64 1.42
CA VAL A 10 -0.09 -6.52 0.94
C VAL A 10 0.45 -7.89 0.53
N CYS A 11 1.29 -7.93 -0.49
CA CYS A 11 1.77 -9.20 -1.02
C CYS A 11 3.11 -9.59 -0.40
N GLY A 12 3.93 -8.56 -0.14
CA GLY A 12 5.19 -8.76 0.54
C GLY A 12 6.25 -9.47 -0.27
N ILE A 13 6.15 -9.43 -1.59
CA ILE A 13 7.08 -10.16 -2.43
C ILE A 13 8.09 -9.24 -3.11
N LYS A 14 7.83 -7.93 -3.07
CA LYS A 14 8.75 -6.97 -3.65
C LYS A 14 8.66 -5.64 -2.91
N GLU A 15 9.59 -4.74 -3.21
CA GLU A 15 9.66 -3.44 -2.57
C GLU A 15 8.36 -2.66 -2.71
N PHE A 16 8.18 -1.71 -1.82
CA PHE A 16 7.01 -0.85 -1.87
C PHE A 16 7.25 0.32 -2.80
N LYS A 17 6.17 0.97 -3.20
CA LYS A 17 6.24 2.13 -4.08
C LYS A 17 5.14 3.12 -3.74
N TYR A 18 4.09 2.61 -3.11
CA TYR A 18 2.95 3.43 -2.72
C TYR A 18 2.74 3.37 -1.22
N LYS A 19 1.93 4.28 -0.71
CA LYS A 19 1.52 4.25 0.68
C LYS A 19 0.13 4.84 0.80
N CYS A 20 -0.86 3.98 0.98
CA CYS A 20 -2.25 4.42 1.09
C CYS A 20 -2.40 5.49 2.18
N PRO A 21 -2.98 6.66 1.82
CA PRO A 21 -3.18 7.77 2.75
C PRO A 21 -4.07 7.41 3.94
N ARG A 22 -4.81 6.31 3.81
CA ARG A 22 -5.69 5.86 4.88
C ARG A 22 -5.08 4.68 5.64
N CYS A 23 -4.57 3.71 4.91
CA CYS A 23 -4.12 2.46 5.52
C CYS A 23 -2.63 2.53 5.88
N LEU A 24 -1.93 3.48 5.28
CA LEU A 24 -0.50 3.67 5.46
C LEU A 24 0.28 2.44 5.05
N VAL A 25 -0.37 1.56 4.29
CA VAL A 25 0.25 0.35 3.83
C VAL A 25 1.14 0.64 2.63
N GLN A 26 2.41 0.29 2.80
CA GLN A 26 3.39 0.44 1.75
C GLN A 26 3.20 -0.64 0.70
N THR A 27 2.48 -0.27 -0.35
CA THR A 27 2.14 -1.19 -1.41
C THR A 27 3.15 -1.13 -2.54
N CYS A 28 3.36 -2.26 -3.19
CA CYS A 28 4.37 -2.37 -4.25
C CYS A 28 3.88 -1.70 -5.53
N SER A 29 2.57 -1.72 -5.72
CA SER A 29 1.96 -1.18 -6.92
C SER A 29 0.50 -0.87 -6.66
N LEU A 30 -0.15 -0.18 -7.58
CA LEU A 30 -1.55 0.20 -7.42
C LEU A 30 -2.42 -1.05 -7.28
N GLU A 31 -1.99 -2.13 -7.91
CA GLU A 31 -2.66 -3.43 -7.81
C GLU A 31 -2.87 -3.83 -6.36
N CYS A 32 -1.86 -3.60 -5.53
CA CYS A 32 -1.97 -3.92 -4.12
C CYS A 32 -2.65 -2.79 -3.35
N SER A 33 -2.57 -1.57 -3.89
CA SER A 33 -3.25 -0.44 -3.29
C SER A 33 -4.76 -0.64 -3.41
N LYS A 34 -5.19 -1.22 -4.52
CA LYS A 34 -6.61 -1.48 -4.74
C LYS A 34 -7.00 -2.83 -4.19
N LYS A 35 -6.01 -3.59 -3.73
CA LYS A 35 -6.24 -4.92 -3.20
C LYS A 35 -6.99 -4.86 -1.88
N HIS A 36 -6.55 -3.95 -1.00
CA HIS A 36 -7.18 -3.82 0.31
C HIS A 36 -8.53 -3.11 0.21
N LYS A 37 -8.79 -2.50 -0.94
CA LYS A 37 -9.98 -1.68 -1.10
C LYS A 37 -11.23 -2.54 -1.26
N THR A 38 -11.03 -3.75 -1.74
CA THR A 38 -12.15 -4.65 -1.98
C THR A 38 -12.55 -5.41 -0.71
N ARG A 39 -11.84 -5.15 0.37
CA ARG A 39 -12.12 -5.85 1.62
C ARG A 39 -12.19 -4.88 2.80
N ASP A 40 -11.94 -3.61 2.54
CA ASP A 40 -11.98 -2.60 3.59
C ASP A 40 -12.88 -1.43 3.19
N ASN A 41 -13.31 -1.44 1.92
CA ASN A 41 -14.12 -0.36 1.35
C ASN A 41 -13.33 0.93 1.24
N CYS A 42 -12.01 0.81 1.38
CA CYS A 42 -11.10 1.94 1.28
C CYS A 42 -11.09 2.47 -0.16
N SER A 43 -10.87 3.76 -0.31
CA SER A 43 -10.75 4.35 -1.64
C SER A 43 -9.31 4.78 -1.90
N GLY A 44 -8.52 4.80 -0.82
CA GLY A 44 -7.12 5.18 -0.91
C GLY A 44 -6.92 6.65 -1.20
N GLN A 45 -7.70 7.48 -0.53
CA GLN A 45 -7.64 8.92 -0.71
C GLN A 45 -8.23 9.61 0.51
N THR A 46 -7.59 10.66 0.98
CA THR A 46 -8.05 11.38 2.15
C THR A 46 -8.39 12.82 1.81
N HIS A 47 -8.37 13.14 0.52
CA HIS A 47 -8.49 14.52 0.03
C HIS A 47 -7.22 15.30 0.40
N ASP A 48 -6.96 15.39 1.70
CA ASP A 48 -5.73 15.97 2.20
C ASP A 48 -5.18 15.08 3.32
N GLY A 1 16.33 3.04 9.22
CA GLY A 1 16.98 3.90 8.20
C GLY A 1 16.05 4.99 7.71
N PRO A 2 16.27 5.50 6.48
CA PRO A 2 15.43 6.52 5.88
C PRO A 2 14.16 5.94 5.25
N HIS A 3 13.74 4.78 5.75
CA HIS A 3 12.59 4.05 5.23
C HIS A 3 12.78 3.71 3.76
N MET A 4 14.02 3.43 3.38
CA MET A 4 14.33 3.06 2.02
C MET A 4 14.11 1.56 1.82
N ALA A 5 13.12 1.23 0.99
CA ALA A 5 12.74 -0.15 0.72
C ALA A 5 11.98 -0.73 1.90
N VAL A 6 11.46 -1.92 1.68
CA VAL A 6 10.52 -2.54 2.58
C VAL A 6 10.01 -3.77 1.86
N LEU A 7 9.03 -4.46 2.43
CA LEU A 7 8.25 -5.37 1.63
C LEU A 7 6.78 -5.00 1.72
N CYS A 8 6.16 -5.00 0.54
CA CYS A 8 4.76 -4.63 0.35
C CYS A 8 3.85 -5.20 1.44
N GLY A 9 3.10 -4.33 2.08
CA GLY A 9 2.22 -4.74 3.17
C GLY A 9 1.11 -5.67 2.73
N VAL A 10 0.81 -5.69 1.43
CA VAL A 10 -0.26 -6.53 0.92
C VAL A 10 0.23 -7.90 0.47
N CYS A 11 1.10 -7.93 -0.53
CA CYS A 11 1.53 -9.20 -1.11
C CYS A 11 2.83 -9.69 -0.48
N GLY A 12 3.58 -8.75 0.09
CA GLY A 12 4.78 -9.04 0.85
C GLY A 12 5.87 -9.74 0.07
N ILE A 13 6.03 -9.44 -1.21
CA ILE A 13 7.03 -10.14 -2.01
C ILE A 13 8.06 -9.21 -2.65
N LYS A 14 7.82 -7.90 -2.61
CA LYS A 14 8.77 -6.95 -3.20
C LYS A 14 8.69 -5.59 -2.53
N GLU A 15 9.58 -4.69 -2.95
CA GLU A 15 9.65 -3.34 -2.39
C GLU A 15 8.36 -2.54 -2.59
N PHE A 16 8.17 -1.57 -1.73
CA PHE A 16 7.03 -0.68 -1.83
C PHE A 16 7.30 0.46 -2.79
N LYS A 17 6.24 1.02 -3.34
CA LYS A 17 6.33 2.16 -4.24
C LYS A 17 5.21 3.15 -3.92
N TYR A 18 4.26 2.69 -3.12
CA TYR A 18 3.11 3.50 -2.74
C TYR A 18 2.89 3.42 -1.24
N LYS A 19 1.97 4.24 -0.76
CA LYS A 19 1.61 4.25 0.64
C LYS A 19 0.20 4.80 0.78
N CYS A 20 -0.77 3.90 0.98
CA CYS A 20 -2.17 4.29 1.12
C CYS A 20 -2.33 5.45 2.10
N PRO A 21 -3.00 6.53 1.69
CA PRO A 21 -3.24 7.69 2.55
C PRO A 21 -4.14 7.35 3.74
N ARG A 22 -4.82 6.21 3.64
CA ARG A 22 -5.74 5.78 4.69
C ARG A 22 -5.10 4.69 5.55
N CYS A 23 -4.52 3.69 4.92
CA CYS A 23 -3.96 2.54 5.63
C CYS A 23 -2.50 2.78 6.02
N LEU A 24 -1.88 3.71 5.31
CA LEU A 24 -0.45 3.98 5.40
C LEU A 24 0.35 2.74 5.01
N VAL A 25 -0.31 1.82 4.31
CA VAL A 25 0.31 0.58 3.91
C VAL A 25 1.19 0.79 2.69
N GLN A 26 2.45 0.43 2.84
CA GLN A 26 3.43 0.53 1.78
C GLN A 26 3.18 -0.56 0.74
N THR A 27 2.57 -0.17 -0.36
CA THR A 27 2.21 -1.11 -1.41
C THR A 27 3.22 -1.07 -2.54
N CYS A 28 3.40 -2.21 -3.19
CA CYS A 28 4.40 -2.35 -4.24
C CYS A 28 3.94 -1.70 -5.53
N SER A 29 2.62 -1.70 -5.75
CA SER A 29 2.05 -1.13 -6.96
C SER A 29 0.57 -0.85 -6.76
N LEU A 30 -0.06 -0.15 -7.70
CA LEU A 30 -1.48 0.20 -7.59
C LEU A 30 -2.34 -1.05 -7.42
N GLU A 31 -1.88 -2.16 -8.00
CA GLU A 31 -2.54 -3.45 -7.86
C GLU A 31 -2.82 -3.78 -6.40
N CYS A 32 -1.84 -3.53 -5.56
CA CYS A 32 -1.96 -3.80 -4.14
C CYS A 32 -2.59 -2.64 -3.41
N SER A 33 -2.46 -1.44 -3.97
CA SER A 33 -3.04 -0.25 -3.39
C SER A 33 -4.56 -0.36 -3.41
N LYS A 34 -5.09 -1.00 -4.44
CA LYS A 34 -6.52 -1.17 -4.59
C LYS A 34 -6.98 -2.53 -4.06
N LYS A 35 -6.01 -3.39 -3.79
CA LYS A 35 -6.29 -4.75 -3.34
C LYS A 35 -7.03 -4.76 -2.01
N HIS A 36 -6.57 -3.93 -1.08
CA HIS A 36 -7.18 -3.88 0.25
C HIS A 36 -8.50 -3.09 0.22
N LYS A 37 -8.75 -2.38 -0.88
CA LYS A 37 -9.91 -1.51 -0.96
C LYS A 37 -11.18 -2.32 -1.14
N THR A 38 -11.06 -3.42 -1.88
CA THR A 38 -12.21 -4.24 -2.18
C THR A 38 -12.59 -5.14 -1.00
N ARG A 39 -11.72 -5.22 -0.01
CA ARG A 39 -11.96 -6.10 1.13
C ARG A 39 -12.16 -5.31 2.43
N ASP A 40 -11.67 -4.07 2.47
CA ASP A 40 -11.76 -3.26 3.68
C ASP A 40 -12.51 -1.96 3.42
N ASN A 41 -13.07 -1.84 2.21
CA ASN A 41 -13.84 -0.67 1.82
C ASN A 41 -13.02 0.60 1.92
N CYS A 42 -11.78 0.52 1.44
CA CYS A 42 -10.87 1.65 1.53
C CYS A 42 -10.81 2.41 0.22
N SER A 43 -10.20 3.57 0.27
CA SER A 43 -9.97 4.40 -0.88
C SER A 43 -8.65 5.14 -0.72
N GLY A 44 -8.26 5.90 -1.72
CA GLY A 44 -7.07 6.70 -1.61
C GLY A 44 -7.36 8.16 -1.84
N GLN A 45 -8.33 8.68 -1.10
CA GLN A 45 -8.81 10.03 -1.30
C GLN A 45 -8.93 10.76 0.03
N THR A 46 -7.82 10.96 0.70
CA THR A 46 -7.80 11.72 1.94
C THR A 46 -7.69 13.20 1.60
N HIS A 47 -6.87 13.49 0.60
CA HIS A 47 -6.72 14.85 0.10
C HIS A 47 -7.29 14.92 -1.31
N ASP A 48 -8.60 14.77 -1.40
CA ASP A 48 -9.28 14.78 -2.69
C ASP A 48 -10.12 16.04 -2.83
N GLY A 1 14.29 6.88 -5.85
CA GLY A 1 13.77 6.34 -4.57
C GLY A 1 14.15 7.22 -3.40
N PRO A 2 13.23 7.43 -2.43
CA PRO A 2 13.47 8.29 -1.27
C PRO A 2 14.31 7.58 -0.20
N HIS A 3 15.25 6.76 -0.64
CA HIS A 3 16.09 5.95 0.25
C HIS A 3 15.22 5.19 1.23
N MET A 4 14.27 4.45 0.69
CA MET A 4 13.32 3.70 1.49
C MET A 4 13.07 2.34 0.88
N ALA A 5 12.78 1.36 1.73
CA ALA A 5 12.56 -0.01 1.29
C ALA A 5 11.72 -0.72 2.30
N VAL A 6 11.32 -1.92 1.95
CA VAL A 6 10.37 -2.67 2.73
C VAL A 6 9.93 -3.85 1.89
N LEU A 7 9.01 -4.64 2.38
CA LEU A 7 8.27 -5.51 1.51
C LEU A 7 6.79 -5.15 1.59
N CYS A 8 6.18 -5.05 0.42
CA CYS A 8 4.79 -4.64 0.25
C CYS A 8 3.87 -5.27 1.29
N GLY A 9 3.11 -4.42 1.97
CA GLY A 9 2.26 -4.87 3.07
C GLY A 9 1.18 -5.83 2.63
N VAL A 10 0.78 -5.77 1.37
CA VAL A 10 -0.31 -6.60 0.89
C VAL A 10 0.18 -7.98 0.44
N CYS A 11 1.02 -8.02 -0.59
CA CYS A 11 1.45 -9.30 -1.16
C CYS A 11 2.71 -9.81 -0.47
N GLY A 12 3.36 -8.94 0.31
CA GLY A 12 4.51 -9.34 1.10
C GLY A 12 5.77 -9.54 0.28
N ILE A 13 5.83 -8.99 -0.93
CA ILE A 13 7.00 -9.17 -1.77
C ILE A 13 7.43 -7.86 -2.40
N LYS A 14 8.71 -7.80 -2.80
CA LYS A 14 9.34 -6.64 -3.46
C LYS A 14 9.23 -5.34 -2.63
N GLU A 15 10.11 -4.41 -2.96
CA GLU A 15 10.12 -3.11 -2.28
C GLU A 15 8.89 -2.31 -2.65
N PHE A 16 8.43 -1.53 -1.68
CA PHE A 16 7.21 -0.74 -1.84
C PHE A 16 7.43 0.40 -2.84
N LYS A 17 6.34 0.86 -3.42
CA LYS A 17 6.38 1.95 -4.37
C LYS A 17 5.31 2.97 -4.03
N TYR A 18 4.32 2.54 -3.27
CA TYR A 18 3.21 3.38 -2.87
C TYR A 18 3.02 3.34 -1.36
N LYS A 19 2.04 4.09 -0.89
CA LYS A 19 1.67 4.08 0.52
C LYS A 19 0.29 4.69 0.67
N CYS A 20 -0.72 3.84 0.86
CA CYS A 20 -2.10 4.30 1.02
C CYS A 20 -2.18 5.47 1.99
N PRO A 21 -2.78 6.59 1.55
CA PRO A 21 -2.91 7.81 2.35
C PRO A 21 -3.72 7.56 3.63
N ARG A 22 -4.44 6.46 3.65
CA ARG A 22 -5.25 6.10 4.81
C ARG A 22 -4.63 4.99 5.62
N CYS A 23 -4.40 3.85 4.99
CA CYS A 23 -3.86 2.69 5.69
C CYS A 23 -2.40 2.87 6.04
N LEU A 24 -1.73 3.71 5.26
CA LEU A 24 -0.29 3.94 5.36
C LEU A 24 0.47 2.67 5.00
N VAL A 25 -0.23 1.73 4.38
CA VAL A 25 0.38 0.49 3.95
C VAL A 25 1.19 0.74 2.69
N GLN A 26 2.47 0.46 2.78
CA GLN A 26 3.38 0.63 1.67
C GLN A 26 3.21 -0.52 0.68
N THR A 27 2.50 -0.22 -0.40
CA THR A 27 2.19 -1.19 -1.42
C THR A 27 3.22 -1.17 -2.53
N CYS A 28 3.28 -2.26 -3.28
CA CYS A 28 4.25 -2.39 -4.36
C CYS A 28 3.73 -1.79 -5.64
N SER A 29 2.41 -1.76 -5.78
CA SER A 29 1.79 -1.23 -6.99
C SER A 29 0.36 -0.77 -6.70
N LEU A 30 -0.31 -0.21 -7.71
CA LEU A 30 -1.70 0.21 -7.56
C LEU A 30 -2.60 -0.99 -7.29
N GLU A 31 -2.25 -2.13 -7.87
CA GLU A 31 -3.01 -3.36 -7.66
C GLU A 31 -3.17 -3.66 -6.17
N CYS A 32 -2.07 -3.68 -5.44
CA CYS A 32 -2.10 -3.94 -4.01
C CYS A 32 -2.75 -2.78 -3.25
N SER A 33 -2.69 -1.59 -3.82
CA SER A 33 -3.28 -0.42 -3.19
C SER A 33 -4.80 -0.51 -3.22
N LYS A 34 -5.34 -1.06 -4.30
CA LYS A 34 -6.78 -1.21 -4.43
C LYS A 34 -7.23 -2.59 -3.97
N LYS A 35 -6.26 -3.45 -3.69
CA LYS A 35 -6.53 -4.79 -3.19
C LYS A 35 -7.21 -4.74 -1.84
N HIS A 36 -6.70 -3.91 -0.95
CA HIS A 36 -7.30 -3.78 0.37
C HIS A 36 -8.58 -2.96 0.28
N LYS A 37 -8.75 -2.22 -0.81
CA LYS A 37 -9.93 -1.38 -0.98
C LYS A 37 -11.15 -2.22 -1.33
N THR A 38 -10.91 -3.30 -2.06
CA THR A 38 -11.99 -4.13 -2.56
C THR A 38 -12.47 -5.13 -1.51
N ARG A 39 -11.82 -5.14 -0.36
CA ARG A 39 -12.18 -6.07 0.71
C ARG A 39 -12.35 -5.37 2.05
N ASP A 40 -11.57 -4.32 2.27
CA ASP A 40 -11.64 -3.57 3.52
C ASP A 40 -12.41 -2.27 3.32
N ASN A 41 -12.88 -2.07 2.09
CA ASN A 41 -13.71 -0.92 1.75
C ASN A 41 -12.98 0.40 1.96
N CYS A 42 -11.68 0.38 1.72
CA CYS A 42 -10.87 1.59 1.82
C CYS A 42 -10.92 2.35 0.50
N SER A 43 -10.39 3.55 0.51
CA SER A 43 -10.23 4.35 -0.67
C SER A 43 -9.07 5.31 -0.46
N GLY A 44 -8.41 5.70 -1.54
CA GLY A 44 -7.27 6.59 -1.42
C GLY A 44 -7.68 8.03 -1.41
N GLN A 45 -8.46 8.41 -0.41
CA GLN A 45 -8.96 9.76 -0.29
C GLN A 45 -8.66 10.29 1.10
N THR A 46 -7.57 11.03 1.21
CA THR A 46 -7.18 11.60 2.48
C THR A 46 -8.17 12.70 2.89
N HIS A 47 -9.14 12.32 3.71
CA HIS A 47 -10.19 13.23 4.13
C HIS A 47 -9.89 13.82 5.51
N ASP A 48 -8.63 14.18 5.71
CA ASP A 48 -8.20 14.76 6.96
C ASP A 48 -7.78 16.20 6.75
#